data_8Y74
#
_entry.id   8Y74
#
_cell.length_a   125.782
_cell.length_b   76.553
_cell.length_c   87.143
_cell.angle_alpha   90.000
_cell.angle_beta   92.449
_cell.angle_gamma   90.000
#
_symmetry.space_group_name_H-M   'C 1 2 1'
#
loop_
_entity.id
_entity.type
_entity.pdbx_description
1 polymer 'MHC class I alpha chain 2'
2 polymer Beta-2-microglobulin
3 polymer 'Polymerase basic protein 2'
4 water water
#
loop_
_entity_poly.entity_id
_entity_poly.type
_entity_poly.pdbx_seq_one_letter_code
_entity_poly.pdbx_strand_id
1 'polypeptide(L)'
;MELHTLRYIRTAMTDPGPGLPWYVDVGYVDGELFVHYNSTARRYVPRTEWIAAKADQQYWDGQTQIGQGNEQIDRENLGI
LQRRYNQTGGSHTVQWMYGCDILEGGPIRGYYQMAYDGRDFTAFDKGTMTFTAAVPEAVPTKRKWEEGDYAEGLKQYLEE
TCVEWLRRYVEYGKAELGRRERPEVRVWGKEADGILTLSCRAHGFYPRPIVVSWLKDGAVRGQDAHSGGIVPNGDGTYHT
WVTIDAQPGDGDKYQCRVEHASLPQPGLYSWE
;
A,D
2 'polypeptide(L)'
;MDLTPKVQVYSRFPASAGTKNVLNCFAAGFHPPKISITLMKDGVPMEGAQYSDMSFNDDWTFQRLVHADFTPSSGSTYAC
KVEHETLKEPQVYKWDPEF
;
B,E
3 'polypeptide(L)' WIIRNWETV C,F
#
# COMPACT_ATOMS: atom_id res chain seq x y z
N MET A 1 38.88 20.17 7.74
CA MET A 1 39.22 18.87 7.11
C MET A 1 38.36 18.61 5.87
N GLU A 2 39.00 18.17 4.79
CA GLU A 2 38.32 18.02 3.52
C GLU A 2 37.78 16.59 3.41
N LEU A 3 36.44 16.48 3.46
CA LEU A 3 35.74 15.20 3.35
C LEU A 3 35.06 15.14 1.98
N HIS A 4 35.14 13.97 1.32
CA HIS A 4 34.49 13.75 0.04
C HIS A 4 34.00 12.31 0.01
N THR A 5 32.95 12.07 -0.79
CA THR A 5 32.20 10.84 -0.82
C THR A 5 31.88 10.49 -2.28
N LEU A 6 32.01 9.21 -2.58
CA LEU A 6 31.56 8.65 -3.85
C LEU A 6 30.59 7.55 -3.50
N ARG A 7 29.35 7.66 -3.98
CA ARG A 7 28.30 6.68 -3.76
C ARG A 7 27.57 6.38 -5.07
N TYR A 8 27.52 5.10 -5.43
CA TYR A 8 26.74 4.60 -6.54
C TYR A 8 25.53 3.89 -5.96
N ILE A 9 24.37 4.10 -6.59
CA ILE A 9 23.20 3.35 -6.20
C ILE A 9 22.63 2.74 -7.48
N ARG A 10 22.00 1.58 -7.32
CA ARG A 10 21.56 0.80 -8.45
C ARG A 10 20.21 0.21 -8.05
N THR A 11 19.22 0.25 -8.96
CA THR A 11 17.92 -0.33 -8.71
C THR A 11 17.49 -1.17 -9.91
N ALA A 12 17.00 -2.38 -9.59
CA ALA A 12 16.37 -3.27 -10.55
C ALA A 12 14.94 -3.57 -10.09
N MET A 13 13.98 -3.29 -10.98
CA MET A 13 12.55 -3.32 -10.67
C MET A 13 11.81 -4.21 -11.66
N THR A 14 10.78 -4.92 -11.18
CA THR A 14 9.88 -5.64 -12.05
C THR A 14 8.82 -4.67 -12.59
N ASP A 15 8.62 -3.55 -11.87
CA ASP A 15 7.51 -2.65 -12.10
C ASP A 15 7.92 -1.19 -11.92
N PRO A 16 8.69 -0.61 -12.86
CA PRO A 16 9.18 0.76 -12.67
C PRO A 16 8.17 1.88 -12.94
N GLY A 17 7.11 1.53 -13.69
CA GLY A 17 6.10 2.47 -14.10
C GLY A 17 6.08 2.56 -15.61
N PRO A 18 4.95 2.96 -16.22
CA PRO A 18 4.86 2.91 -17.67
C PRO A 18 5.88 3.88 -18.27
N GLY A 19 6.61 3.42 -19.29
CA GLY A 19 7.57 4.23 -20.01
C GLY A 19 8.83 4.54 -19.18
N LEU A 20 9.06 3.83 -18.06
CA LEU A 20 10.24 4.09 -17.23
C LEU A 20 11.17 2.87 -17.31
N PRO A 21 12.50 3.06 -17.15
CA PRO A 21 13.44 1.94 -17.21
C PRO A 21 13.40 1.04 -15.98
N TRP A 22 13.53 -0.29 -16.19
CA TRP A 22 13.50 -1.24 -15.08
C TRP A 22 14.84 -1.23 -14.31
N TYR A 23 15.91 -0.73 -14.95
CA TYR A 23 17.25 -0.73 -14.33
C TYR A 23 17.87 0.66 -14.42
N VAL A 24 18.24 1.21 -13.26
CA VAL A 24 18.81 2.55 -13.16
C VAL A 24 20.06 2.48 -12.26
N ASP A 25 21.17 3.04 -12.77
CA ASP A 25 22.41 3.19 -12.01
C ASP A 25 22.84 4.66 -12.06
N VAL A 26 23.13 5.23 -10.89
CA VAL A 26 23.52 6.63 -10.81
C VAL A 26 24.66 6.78 -9.80
N GLY A 27 25.56 7.74 -10.04
CA GLY A 27 26.64 7.99 -9.10
C GLY A 27 26.56 9.42 -8.59
N TYR A 28 27.05 9.61 -7.35
CA TYR A 28 27.06 10.90 -6.70
C TYR A 28 28.43 11.17 -6.13
N VAL A 29 28.97 12.38 -6.36
CA VAL A 29 30.17 12.82 -5.67
C VAL A 29 29.75 13.95 -4.73
N ASP A 30 30.08 13.81 -3.43
CA ASP A 30 29.68 14.76 -2.41
C ASP A 30 28.18 15.07 -2.50
N GLY A 31 27.37 14.06 -2.80
CA GLY A 31 25.95 14.23 -2.75
C GLY A 31 25.32 14.66 -4.06
N GLU A 32 26.14 15.04 -5.04
CA GLU A 32 25.70 15.60 -6.30
C GLU A 32 25.75 14.54 -7.40
N LEU A 33 24.62 14.37 -8.11
CA LEU A 33 24.48 13.41 -9.20
C LEU A 33 25.50 13.71 -10.28
N PHE A 34 26.30 12.73 -10.74
CA PHE A 34 27.27 13.09 -11.76
C PHE A 34 27.28 12.14 -12.97
N VAL A 35 26.79 10.91 -12.80
CA VAL A 35 26.72 9.99 -13.93
C VAL A 35 25.43 9.21 -13.84
N HIS A 36 24.92 8.72 -14.98
CA HIS A 36 23.64 8.02 -15.06
C HIS A 36 23.66 6.96 -16.19
N TYR A 37 23.18 5.77 -15.85
CA TYR A 37 22.94 4.70 -16.81
C TYR A 37 21.53 4.14 -16.57
N ASN A 38 20.82 3.75 -17.64
CA ASN A 38 19.58 3.01 -17.47
C ASN A 38 19.42 2.00 -18.60
N SER A 39 18.47 1.05 -18.40
CA SER A 39 18.23 0.00 -19.37
C SER A 39 17.59 0.51 -20.67
N THR A 40 17.17 1.78 -20.71
CA THR A 40 16.54 2.30 -21.91
C THR A 40 17.62 2.95 -22.79
N ALA A 41 18.32 3.95 -22.24
CA ALA A 41 19.38 4.65 -22.94
C ALA A 41 20.59 3.75 -23.20
N ARG A 42 20.81 2.74 -22.34
CA ARG A 42 21.88 1.76 -22.45
C ARG A 42 23.27 2.40 -22.62
N ARG A 43 23.50 3.52 -21.92
CA ARG A 43 24.78 4.24 -21.97
C ARG A 43 24.93 5.09 -20.71
N TYR A 44 26.15 5.07 -20.11
CA TYR A 44 26.51 6.04 -19.08
C TYR A 44 26.65 7.42 -19.71
N VAL A 45 26.09 8.43 -19.06
CA VAL A 45 26.10 9.80 -19.56
C VAL A 45 26.46 10.73 -18.40
N PRO A 46 27.03 11.94 -18.70
CA PRO A 46 27.31 12.94 -17.66
C PRO A 46 26.04 13.53 -17.11
N ARG A 47 26.10 13.96 -15.84
CA ARG A 47 25.03 14.74 -15.24
C ARG A 47 25.57 16.00 -14.57
N THR A 48 26.90 16.22 -14.64
CA THR A 48 27.44 17.53 -14.32
C THR A 48 28.32 17.97 -15.48
N GLU A 49 28.58 19.28 -15.57
CA GLU A 49 29.39 19.84 -16.64
C GLU A 49 30.86 19.45 -16.44
N TRP A 50 31.31 19.38 -15.17
CA TRP A 50 32.71 19.14 -14.92
C TRP A 50 33.14 17.73 -15.36
N ILE A 51 32.30 16.71 -15.17
CA ILE A 51 32.71 15.39 -15.62
C ILE A 51 32.62 15.30 -17.14
N ALA A 52 31.64 15.99 -17.74
CA ALA A 52 31.52 16.03 -19.19
C ALA A 52 32.79 16.63 -19.78
N ALA A 53 33.27 17.69 -19.13
CA ALA A 53 34.42 18.47 -19.59
C ALA A 53 35.73 17.70 -19.44
N LYS A 54 35.89 16.99 -18.32
CA LYS A 54 37.20 16.48 -17.90
C LYS A 54 37.36 14.98 -18.14
N ALA A 55 36.28 14.22 -18.31
CA ALA A 55 36.43 12.79 -18.58
C ALA A 55 36.67 12.58 -20.07
N ASP A 56 37.63 11.71 -20.40
CA ASP A 56 37.92 11.35 -21.78
C ASP A 56 36.82 10.45 -22.34
N GLN A 57 36.90 10.09 -23.63
CA GLN A 57 35.85 9.32 -24.26
C GLN A 57 35.86 7.86 -23.77
N GLN A 58 37.03 7.35 -23.36
CA GLN A 58 37.13 5.98 -22.90
C GLN A 58 36.42 5.79 -21.54
N TYR A 59 36.25 6.88 -20.80
CA TYR A 59 35.48 6.85 -19.57
C TYR A 59 34.05 6.38 -19.86
N TRP A 60 33.41 7.03 -20.82
CA TRP A 60 32.01 6.75 -21.12
C TRP A 60 31.89 5.37 -21.76
N ASP A 61 32.71 5.10 -22.79
CA ASP A 61 32.57 3.87 -23.56
C ASP A 61 32.92 2.70 -22.66
N GLY A 62 33.99 2.85 -21.86
CA GLY A 62 34.45 1.81 -20.94
C GLY A 62 33.36 1.40 -19.94
N GLN A 63 32.76 2.39 -19.29
CA GLN A 63 31.71 2.14 -18.32
C GLN A 63 30.41 1.74 -19.01
N THR A 64 30.12 2.29 -20.21
CA THR A 64 28.92 1.88 -20.94
C THR A 64 28.96 0.36 -21.08
N GLN A 65 30.13 -0.19 -21.44
CA GLN A 65 30.28 -1.61 -21.68
C GLN A 65 30.13 -2.43 -20.39
N ILE A 66 30.67 -1.92 -19.28
CA ILE A 66 30.50 -2.58 -18.00
C ILE A 66 29.04 -2.48 -17.58
N GLY A 67 28.43 -1.29 -17.75
CA GLY A 67 27.01 -1.11 -17.51
C GLY A 67 26.14 -2.15 -18.22
N GLN A 68 26.40 -2.42 -19.50
CA GLN A 68 25.60 -3.38 -20.23
C GLN A 68 25.81 -4.78 -19.66
N GLY A 69 27.05 -5.13 -19.32
CA GLY A 69 27.31 -6.42 -18.68
C GLY A 69 26.60 -6.52 -17.32
N ASN A 70 26.67 -5.46 -16.53
CA ASN A 70 26.05 -5.42 -15.21
C ASN A 70 24.53 -5.58 -15.32
N GLU A 71 23.93 -4.87 -16.29
CA GLU A 71 22.50 -4.97 -16.58
C GLU A 71 22.08 -6.42 -16.83
N GLN A 72 22.83 -7.17 -17.63
CA GLN A 72 22.50 -8.57 -17.86
C GLN A 72 22.53 -9.36 -16.54
N ILE A 73 23.58 -9.19 -15.72
CA ILE A 73 23.67 -9.93 -14.47
C ILE A 73 22.55 -9.52 -13.50
N ASP A 74 22.20 -8.23 -13.44
CA ASP A 74 21.21 -7.77 -12.48
C ASP A 74 19.80 -8.17 -12.94
N ARG A 75 19.58 -8.28 -14.25
CA ARG A 75 18.32 -8.83 -14.76
C ARG A 75 18.15 -10.25 -14.23
N GLU A 76 19.24 -11.03 -14.20
CA GLU A 76 19.11 -12.41 -13.74
C GLU A 76 18.94 -12.43 -12.22
N ASN A 77 19.64 -11.52 -11.52
CA ASN A 77 19.53 -11.41 -10.07
C ASN A 77 18.07 -11.29 -9.64
N LEU A 78 17.30 -10.43 -10.31
CA LEU A 78 15.89 -10.20 -9.96
C LEU A 78 15.09 -11.51 -10.12
N GLY A 79 15.31 -12.23 -11.22
CA GLY A 79 14.66 -13.50 -11.42
C GLY A 79 15.02 -14.54 -10.34
N ILE A 80 16.31 -14.65 -10.05
CA ILE A 80 16.80 -15.65 -9.12
C ILE A 80 16.16 -15.45 -7.74
N LEU A 81 16.14 -14.20 -7.27
CA LEU A 81 15.60 -13.90 -5.96
C LEU A 81 14.11 -14.21 -5.90
N GLN A 82 13.37 -13.87 -6.97
CA GLN A 82 11.95 -14.23 -7.01
C GLN A 82 11.78 -15.74 -6.90
N ARG A 83 12.64 -16.51 -7.59
CA ARG A 83 12.49 -17.95 -7.55
C ARG A 83 12.94 -18.50 -6.19
N ARG A 84 13.96 -17.88 -5.58
CA ARG A 84 14.44 -18.33 -4.28
C ARG A 84 13.34 -18.13 -3.22
N TYR A 85 12.65 -16.98 -3.27
CA TYR A 85 11.59 -16.65 -2.32
C TYR A 85 10.26 -17.27 -2.76
N ASN A 86 10.26 -18.01 -3.88
CA ASN A 86 9.08 -18.66 -4.43
C ASN A 86 8.00 -17.61 -4.71
N GLN A 87 8.39 -16.50 -5.34
CA GLN A 87 7.46 -15.49 -5.81
C GLN A 87 7.22 -15.69 -7.31
N THR A 88 5.99 -15.44 -7.75
CA THR A 88 5.64 -15.60 -9.14
C THR A 88 5.08 -14.26 -9.63
N GLY A 89 5.91 -13.50 -10.36
CA GLY A 89 5.52 -12.18 -10.81
C GLY A 89 5.40 -11.21 -9.64
N GLY A 90 4.63 -10.13 -9.85
CA GLY A 90 4.40 -9.10 -8.84
C GLY A 90 5.56 -8.11 -8.77
N SER A 91 5.46 -7.23 -7.76
CA SER A 91 6.36 -6.09 -7.62
C SER A 91 7.52 -6.48 -6.71
N HIS A 92 8.74 -6.51 -7.27
CA HIS A 92 9.90 -6.76 -6.43
C HIS A 92 11.02 -5.86 -6.93
N THR A 93 11.92 -5.52 -6.00
CA THR A 93 13.02 -4.62 -6.30
C THR A 93 14.28 -5.04 -5.56
N VAL A 94 15.38 -4.93 -6.28
CA VAL A 94 16.71 -5.14 -5.73
C VAL A 94 17.42 -3.81 -5.79
N GLN A 95 18.17 -3.53 -4.74
CA GLN A 95 18.88 -2.27 -4.64
C GLN A 95 20.30 -2.57 -4.18
N TRP A 96 21.27 -1.81 -4.71
CA TRP A 96 22.66 -1.81 -4.26
C TRP A 96 23.14 -0.38 -4.03
N MET A 97 24.00 -0.20 -3.02
CA MET A 97 24.71 1.03 -2.80
C MET A 97 26.13 0.68 -2.37
N TYR A 98 27.12 1.32 -3.02
CA TYR A 98 28.50 1.07 -2.67
C TYR A 98 29.29 2.33 -2.95
N GLY A 99 30.49 2.38 -2.39
CA GLY A 99 31.38 3.48 -2.65
C GLY A 99 32.37 3.67 -1.51
N CYS A 100 32.92 4.88 -1.46
CA CYS A 100 34.05 5.15 -0.57
C CYS A 100 33.98 6.62 -0.15
N ASP A 101 34.61 6.91 1.00
CA ASP A 101 34.72 8.24 1.57
C ASP A 101 36.19 8.47 1.85
N ILE A 102 36.69 9.70 1.58
CA ILE A 102 38.05 10.08 1.91
C ILE A 102 38.04 11.34 2.79
N LEU A 103 39.10 11.45 3.58
CA LEU A 103 39.29 12.57 4.49
C LEU A 103 40.74 12.97 4.39
N GLU A 104 41.00 14.23 4.01
CA GLU A 104 42.30 14.73 3.61
C GLU A 104 42.97 13.77 2.64
N GLY A 105 42.21 13.24 1.67
CA GLY A 105 42.77 12.37 0.63
C GLY A 105 42.93 10.90 1.05
N GLY A 106 42.74 10.59 2.33
CA GLY A 106 42.91 9.22 2.80
C GLY A 106 41.57 8.52 3.02
N PRO A 107 41.43 7.21 2.71
CA PRO A 107 40.18 6.50 2.83
C PRO A 107 39.72 6.42 4.27
N ILE A 108 38.43 6.62 4.52
CA ILE A 108 37.86 6.34 5.83
C ILE A 108 36.66 5.41 5.75
N ARG A 109 36.06 5.21 4.57
CA ARG A 109 35.03 4.20 4.42
C ARG A 109 35.15 3.56 3.04
N GLY A 110 34.80 2.27 2.99
CA GLY A 110 34.60 1.52 1.75
C GLY A 110 33.53 0.47 2.00
N TYR A 111 32.41 0.52 1.26
CA TYR A 111 31.27 -0.31 1.62
C TYR A 111 30.56 -0.79 0.36
N TYR A 112 29.79 -1.87 0.55
CA TYR A 112 28.97 -2.45 -0.48
C TYR A 112 27.82 -3.15 0.23
N GLN A 113 26.57 -2.77 -0.11
CA GLN A 113 25.38 -3.25 0.58
C GLN A 113 24.28 -3.46 -0.46
N MET A 114 23.52 -4.53 -0.27
CA MET A 114 22.42 -4.88 -1.16
C MET A 114 21.14 -5.11 -0.36
N ALA A 115 19.98 -4.74 -0.96
CA ALA A 115 18.69 -4.95 -0.33
C ALA A 115 17.74 -5.66 -1.30
N TYR A 116 16.83 -6.46 -0.77
CA TYR A 116 15.77 -7.04 -1.56
C TYR A 116 14.43 -6.66 -0.92
N ASP A 117 13.50 -6.13 -1.72
CA ASP A 117 12.19 -5.71 -1.25
C ASP A 117 12.33 -4.74 -0.07
N GLY A 118 13.28 -3.80 -0.20
CA GLY A 118 13.44 -2.68 0.71
C GLY A 118 14.11 -3.04 2.04
N ARG A 119 14.59 -4.29 2.20
CA ARG A 119 15.28 -4.69 3.42
C ARG A 119 16.65 -5.29 3.11
N ASP A 120 17.65 -5.00 3.99
CA ASP A 120 18.95 -5.63 4.02
C ASP A 120 18.94 -7.08 3.55
N PHE A 121 19.84 -7.40 2.61
CA PHE A 121 20.03 -8.76 2.14
C PHE A 121 21.47 -9.19 2.38
N THR A 122 22.45 -8.54 1.74
CA THR A 122 23.84 -8.84 2.07
C THR A 122 24.62 -7.55 2.14
N ALA A 123 25.75 -7.61 2.86
CA ALA A 123 26.72 -6.53 2.86
C ALA A 123 28.11 -7.14 2.91
N PHE A 124 29.08 -6.39 2.36
CA PHE A 124 30.46 -6.79 2.44
C PHE A 124 31.02 -6.24 3.75
N ASP A 125 31.78 -7.10 4.43
CA ASP A 125 32.54 -6.69 5.58
C ASP A 125 33.99 -6.79 5.15
N LYS A 126 34.60 -5.63 4.95
CA LYS A 126 35.89 -5.56 4.28
C LYS A 126 36.98 -6.02 5.23
N GLY A 127 36.71 -5.82 6.54
CA GLY A 127 37.65 -6.19 7.59
C GLY A 127 37.90 -7.69 7.62
N THR A 128 36.83 -8.49 7.63
CA THR A 128 36.95 -9.94 7.62
C THR A 128 37.06 -10.47 6.18
N MET A 129 36.74 -9.66 5.16
CA MET A 129 36.72 -10.13 3.77
C MET A 129 35.64 -11.20 3.59
N THR A 130 34.48 -10.98 4.20
CA THR A 130 33.31 -11.83 4.07
C THR A 130 32.07 -11.01 3.68
N PHE A 131 31.03 -11.77 3.30
CA PHE A 131 29.70 -11.23 3.09
C PHE A 131 28.81 -11.69 4.25
N THR A 132 28.05 -10.75 4.80
CA THR A 132 27.11 -10.98 5.88
C THR A 132 25.75 -11.25 5.26
N ALA A 133 25.19 -12.41 5.55
CA ALA A 133 23.82 -12.77 5.17
C ALA A 133 22.81 -12.25 6.19
N ALA A 134 22.11 -11.18 5.84
CA ALA A 134 21.20 -10.48 6.74
C ALA A 134 19.87 -11.25 6.95
N VAL A 135 19.49 -12.08 5.99
CA VAL A 135 18.27 -12.87 6.01
C VAL A 135 18.65 -14.28 5.60
N PRO A 136 17.82 -15.30 5.89
CA PRO A 136 18.15 -16.67 5.50
C PRO A 136 18.39 -16.89 4.00
N GLU A 137 17.63 -16.18 3.16
CA GLU A 137 17.73 -16.35 1.72
C GLU A 137 19.05 -15.80 1.17
N ALA A 138 19.80 -15.03 1.97
CA ALA A 138 21.10 -14.53 1.54
C ALA A 138 22.19 -15.58 1.72
N VAL A 139 21.92 -16.63 2.51
CA VAL A 139 22.96 -17.58 2.87
C VAL A 139 23.56 -18.21 1.61
N PRO A 140 22.78 -18.63 0.59
CA PRO A 140 23.38 -19.20 -0.61
C PRO A 140 24.26 -18.23 -1.42
N THR A 141 23.98 -16.92 -1.34
CA THR A 141 24.78 -15.88 -1.97
C THR A 141 26.13 -15.78 -1.26
N LYS A 142 26.08 -15.65 0.07
CA LYS A 142 27.26 -15.65 0.91
C LYS A 142 28.17 -16.81 0.49
N ARG A 143 27.65 -18.05 0.50
CA ARG A 143 28.48 -19.22 0.30
C ARG A 143 29.16 -19.17 -1.07
N LYS A 144 28.37 -18.77 -2.09
CA LYS A 144 28.83 -18.77 -3.47
C LYS A 144 29.90 -17.72 -3.72
N TRP A 145 29.72 -16.54 -3.13
CA TRP A 145 30.63 -15.43 -3.33
C TRP A 145 31.90 -15.64 -2.52
N GLU A 146 31.77 -16.36 -1.40
CA GLU A 146 32.93 -16.71 -0.61
C GLU A 146 33.71 -17.82 -1.32
N GLU A 147 33.00 -18.79 -1.88
CA GLU A 147 33.63 -19.86 -2.67
C GLU A 147 34.43 -19.26 -3.84
N GLY A 148 33.95 -18.15 -4.42
CA GLY A 148 34.53 -17.59 -5.63
C GLY A 148 35.66 -16.60 -5.35
N ASP A 149 35.80 -16.21 -4.07
CA ASP A 149 36.90 -15.37 -3.61
C ASP A 149 36.80 -13.97 -4.22
N TYR A 150 35.57 -13.49 -4.45
CA TYR A 150 35.34 -12.18 -5.06
C TYR A 150 35.66 -11.08 -4.05
N ALA A 151 35.79 -11.43 -2.76
CA ALA A 151 36.10 -10.45 -1.74
C ALA A 151 37.46 -9.78 -2.03
N GLU A 152 38.41 -10.52 -2.58
CA GLU A 152 39.75 -9.98 -2.83
C GLU A 152 39.66 -8.78 -3.77
N GLY A 153 38.97 -8.99 -4.89
CA GLY A 153 38.81 -7.98 -5.91
C GLY A 153 37.99 -6.80 -5.41
N LEU A 154 36.92 -7.09 -4.66
CA LEU A 154 36.07 -6.08 -4.08
C LEU A 154 36.84 -5.14 -3.14
N LYS A 155 37.71 -5.70 -2.28
CA LYS A 155 38.52 -4.93 -1.35
C LYS A 155 39.47 -4.04 -2.15
N GLN A 156 40.14 -4.60 -3.17
CA GLN A 156 40.96 -3.79 -4.08
C GLN A 156 40.17 -2.62 -4.67
N TYR A 157 38.96 -2.89 -5.17
CA TYR A 157 38.13 -1.85 -5.73
C TYR A 157 37.80 -0.77 -4.68
N LEU A 158 37.39 -1.17 -3.49
CA LEU A 158 36.93 -0.18 -2.52
C LEU A 158 38.08 0.65 -1.96
N GLU A 159 39.25 0.00 -1.78
CA GLU A 159 40.36 0.64 -1.08
C GLU A 159 41.29 1.35 -2.04
N GLU A 160 41.42 0.84 -3.28
CA GLU A 160 42.29 1.43 -4.28
C GLU A 160 41.52 2.13 -5.41
N THR A 161 40.73 1.40 -6.19
CA THR A 161 40.12 1.95 -7.41
C THR A 161 39.18 3.11 -7.10
N CYS A 162 38.24 2.86 -6.19
CA CYS A 162 37.22 3.81 -5.79
C CYS A 162 37.88 5.10 -5.31
N VAL A 163 38.89 4.95 -4.43
CA VAL A 163 39.54 6.07 -3.79
C VAL A 163 40.31 6.88 -4.82
N GLU A 164 41.14 6.21 -5.67
CA GLU A 164 41.84 6.85 -6.77
C GLU A 164 40.88 7.69 -7.61
N TRP A 165 39.73 7.15 -7.99
CA TRP A 165 38.84 7.90 -8.87
C TRP A 165 38.18 9.04 -8.11
N LEU A 166 37.81 8.83 -6.84
CA LEU A 166 37.23 9.90 -6.06
C LEU A 166 38.21 11.09 -6.00
N ARG A 167 39.51 10.83 -5.84
CA ARG A 167 40.48 11.91 -5.80
C ARG A 167 40.51 12.67 -7.13
N ARG A 168 40.38 11.94 -8.24
CA ARG A 168 40.37 12.57 -9.55
C ARG A 168 39.10 13.42 -9.71
N TYR A 169 37.93 12.88 -9.34
CA TYR A 169 36.66 13.58 -9.47
C TYR A 169 36.60 14.88 -8.66
N VAL A 170 37.14 14.87 -7.45
CA VAL A 170 37.12 16.06 -6.60
C VAL A 170 38.02 17.15 -7.18
N GLU A 171 39.09 16.73 -7.88
CA GLU A 171 39.94 17.70 -8.57
C GLU A 171 39.19 18.28 -9.77
N TYR A 172 38.52 17.41 -10.54
CA TYR A 172 37.73 17.80 -11.70
C TYR A 172 36.66 18.82 -11.37
N GLY A 173 35.90 18.55 -10.31
CA GLY A 173 34.75 19.36 -9.94
C GLY A 173 35.07 20.36 -8.84
N LYS A 174 36.34 20.65 -8.60
CA LYS A 174 36.73 21.48 -7.46
C LYS A 174 35.93 22.78 -7.43
N ALA A 175 35.88 23.50 -8.55
CA ALA A 175 35.19 24.78 -8.61
C ALA A 175 33.72 24.63 -8.19
N GLU A 176 33.05 23.61 -8.75
CA GLU A 176 31.61 23.51 -8.62
C GLU A 176 31.27 23.01 -7.21
N LEU A 177 31.98 21.98 -6.77
CA LEU A 177 31.76 21.31 -5.47
C LEU A 177 32.03 22.28 -4.33
N GLY A 178 33.01 23.16 -4.53
CA GLY A 178 33.44 24.11 -3.53
C GLY A 178 32.61 25.40 -3.53
N ARG A 179 31.67 25.60 -4.46
CA ARG A 179 30.96 26.88 -4.56
C ARG A 179 30.01 27.08 -3.38
N ARG A 180 29.54 28.31 -3.21
CA ARG A 180 28.55 28.66 -2.20
C ARG A 180 27.45 29.48 -2.87
N GLU A 181 26.19 29.05 -2.70
CA GLU A 181 25.04 29.79 -3.20
C GLU A 181 24.18 30.19 -2.00
N ARG A 182 23.90 31.48 -1.88
CA ARG A 182 23.14 32.00 -0.75
C ARG A 182 21.66 31.67 -0.89
N PRO A 183 20.92 31.35 0.20
CA PRO A 183 19.47 31.16 0.14
C PRO A 183 18.81 32.51 -0.04
N GLU A 184 17.69 32.49 -0.77
CA GLU A 184 16.70 33.55 -0.79
C GLU A 184 15.63 33.11 0.22
N VAL A 185 15.41 33.88 1.25
CA VAL A 185 14.56 33.46 2.37
C VAL A 185 13.25 34.22 2.37
N ARG A 186 12.14 33.57 2.67
CA ARG A 186 10.87 34.29 2.82
C ARG A 186 10.19 33.80 4.10
N VAL A 187 9.70 34.75 4.90
CA VAL A 187 8.80 34.43 6.00
C VAL A 187 7.35 34.73 5.60
N TRP A 188 6.47 33.80 5.87
CA TRP A 188 5.06 33.96 5.60
C TRP A 188 4.24 33.42 6.74
N GLY A 189 3.00 33.89 6.86
CA GLY A 189 2.15 33.58 7.99
C GLY A 189 0.74 33.31 7.52
N LYS A 190 0.04 32.40 8.18
CA LYS A 190 -1.38 32.20 7.91
C LYS A 190 -2.10 31.78 9.20
N GLU A 191 -3.18 32.47 9.52
CA GLU A 191 -4.02 32.10 10.65
C GLU A 191 -5.21 31.27 10.18
N ALA A 192 -5.52 30.22 10.97
CA ALA A 192 -6.68 29.36 10.80
C ALA A 192 -6.96 28.68 12.16
N ASP A 193 -8.23 28.64 12.54
CA ASP A 193 -8.76 27.92 13.70
C ASP A 193 -8.08 28.37 14.97
N GLY A 194 -7.77 29.68 15.05
CA GLY A 194 -7.20 30.29 16.23
C GLY A 194 -5.72 29.95 16.39
N ILE A 195 -5.05 29.48 15.32
CA ILE A 195 -3.63 29.20 15.34
C ILE A 195 -2.96 30.02 14.23
N LEU A 196 -1.93 30.77 14.59
CA LEU A 196 -1.08 31.44 13.61
C LEU A 196 0.14 30.59 13.26
N THR A 197 0.23 30.13 12.01
CA THR A 197 1.38 29.32 11.62
C THR A 197 2.32 30.23 10.83
N LEU A 198 3.53 30.39 11.33
CA LEU A 198 4.55 31.16 10.67
C LEU A 198 5.43 30.17 9.94
N SER A 199 5.84 30.58 8.74
CA SER A 199 6.71 29.73 7.92
C SER A 199 7.97 30.50 7.56
N CYS A 200 9.11 29.78 7.60
CA CYS A 200 10.38 30.30 7.19
C CYS A 200 10.91 29.36 6.12
N ARG A 201 11.13 29.85 4.90
CA ARG A 201 11.63 29.01 3.80
C ARG A 201 12.90 29.56 3.18
N ALA A 202 13.90 28.68 3.00
CA ALA A 202 15.16 29.05 2.42
C ALA A 202 15.26 28.36 1.04
N HIS A 203 15.39 29.17 -0.03
CA HIS A 203 15.28 28.67 -1.40
C HIS A 203 16.63 28.80 -2.06
N GLY A 204 17.17 27.70 -2.63
CA GLY A 204 18.28 27.84 -3.57
C GLY A 204 19.69 27.88 -2.96
N PHE A 205 19.92 27.22 -1.83
CA PHE A 205 21.22 27.23 -1.18
C PHE A 205 22.07 26.04 -1.62
N TYR A 206 23.37 26.26 -1.57
CA TYR A 206 24.35 25.22 -1.78
C TYR A 206 25.58 25.64 -1.00
N PRO A 207 26.24 24.74 -0.25
CA PRO A 207 25.92 23.31 -0.16
C PRO A 207 24.69 22.98 0.69
N ARG A 208 24.44 21.69 0.81
CA ARG A 208 23.20 21.16 1.34
C ARG A 208 23.00 21.44 2.83
N PRO A 209 23.98 21.32 3.74
CA PRO A 209 23.74 21.57 5.15
C PRO A 209 23.27 23.01 5.45
N ILE A 210 22.30 23.13 6.34
CA ILE A 210 21.77 24.44 6.75
C ILE A 210 21.10 24.25 8.11
N VAL A 211 21.01 25.33 8.90
CA VAL A 211 20.21 25.35 10.11
C VAL A 211 19.23 26.53 10.00
N VAL A 212 17.93 26.22 9.98
CA VAL A 212 16.88 27.21 9.98
C VAL A 212 16.11 27.02 11.27
N SER A 213 16.10 28.04 12.14
CA SER A 213 15.57 27.97 13.49
C SER A 213 14.55 29.09 13.70
N TRP A 214 13.47 28.80 14.41
CA TRP A 214 12.59 29.85 14.91
C TRP A 214 13.02 30.30 16.31
N LEU A 215 13.10 31.63 16.49
CA LEU A 215 13.42 32.26 17.76
C LEU A 215 12.12 32.83 18.31
N LYS A 216 11.84 32.62 19.61
CA LYS A 216 10.80 33.37 20.29
C LYS A 216 11.43 34.21 21.39
N ASP A 217 11.18 35.52 21.35
CA ASP A 217 11.86 36.48 22.21
C ASP A 217 13.36 36.16 22.28
N GLY A 218 13.97 35.85 21.12
CA GLY A 218 15.43 35.81 21.01
C GLY A 218 16.04 34.45 21.33
N ALA A 219 15.22 33.43 21.62
CA ALA A 219 15.73 32.13 22.03
C ALA A 219 15.24 31.05 21.06
N VAL A 220 16.13 30.10 20.71
CA VAL A 220 15.77 28.99 19.85
C VAL A 220 14.57 28.26 20.46
N ARG A 221 13.63 27.87 19.59
CA ARG A 221 12.37 27.26 19.99
C ARG A 221 12.11 26.06 19.09
N GLY A 222 12.51 24.88 19.55
CA GLY A 222 12.75 23.75 18.66
C GLY A 222 11.69 22.65 18.79
N GLN A 223 10.94 22.65 19.89
CA GLN A 223 9.92 21.64 20.13
C GLN A 223 8.73 21.99 19.24
N ASP A 224 8.32 23.26 19.36
CA ASP A 224 7.13 23.76 18.70
C ASP A 224 7.31 23.81 17.16
N ALA A 225 8.56 23.79 16.71
CA ALA A 225 8.89 23.94 15.30
C ALA A 225 8.73 22.61 14.57
N HIS A 226 8.43 22.67 13.28
CA HIS A 226 8.33 21.50 12.43
C HIS A 226 9.12 21.83 11.16
N SER A 227 10.15 21.03 10.89
CA SER A 227 10.98 21.17 9.70
C SER A 227 10.58 20.15 8.62
N GLY A 228 10.65 20.52 7.34
CA GLY A 228 10.42 19.53 6.31
C GLY A 228 11.72 18.87 5.82
N GLY A 229 12.82 19.06 6.57
CA GLY A 229 14.13 18.57 6.16
C GLY A 229 14.66 19.34 4.95
N ILE A 230 15.77 18.86 4.38
CA ILE A 230 16.43 19.55 3.28
C ILE A 230 16.09 18.79 2.01
N VAL A 231 15.44 19.48 1.04
CA VAL A 231 14.86 18.84 -0.14
C VAL A 231 15.46 19.48 -1.38
N PRO A 232 15.57 18.74 -2.50
CA PRO A 232 16.24 19.25 -3.68
C PRO A 232 15.45 20.14 -4.62
N ASN A 233 16.12 21.10 -5.25
CA ASN A 233 15.53 21.76 -6.38
C ASN A 233 15.87 21.08 -7.72
N GLY A 234 16.86 20.21 -7.70
CA GLY A 234 17.20 19.48 -8.94
C GLY A 234 17.97 20.29 -10.00
N ASP A 235 18.51 21.46 -9.60
CA ASP A 235 19.50 22.21 -10.37
C ASP A 235 20.79 22.23 -9.57
N GLY A 236 20.88 21.35 -8.58
CA GLY A 236 22.03 21.25 -7.70
C GLY A 236 21.95 22.16 -6.47
N THR A 237 20.78 22.80 -6.25
CA THR A 237 20.55 23.56 -5.02
C THR A 237 19.44 22.90 -4.21
N TYR A 238 19.19 23.47 -3.00
CA TYR A 238 18.37 22.86 -2.00
C TYR A 238 17.40 23.90 -1.44
N HIS A 239 16.42 23.36 -0.74
CA HIS A 239 15.32 24.10 -0.15
C HIS A 239 15.11 23.55 1.26
N THR A 240 14.63 24.39 2.18
CA THR A 240 14.05 23.87 3.40
C THR A 240 12.97 24.84 3.92
N TRP A 241 11.97 24.27 4.61
CA TRP A 241 10.95 25.04 5.30
C TRP A 241 10.75 24.55 6.74
N VAL A 242 10.59 25.53 7.63
CA VAL A 242 10.32 25.31 9.04
C VAL A 242 9.15 26.18 9.45
N THR A 243 8.22 25.59 10.22
CA THR A 243 7.06 26.32 10.69
C THR A 243 7.04 26.32 12.22
N ILE A 244 6.36 27.28 12.79
CA ILE A 244 6.05 27.30 14.20
C ILE A 244 4.64 27.85 14.39
N ASP A 245 3.94 27.28 15.38
CA ASP A 245 2.58 27.67 15.68
C ASP A 245 2.59 28.66 16.84
N ALA A 246 1.95 29.80 16.60
CA ALA A 246 1.89 30.91 17.52
C ALA A 246 0.43 31.23 17.80
N GLN A 247 0.23 32.09 18.80
CA GLN A 247 -1.11 32.57 19.12
C GLN A 247 -1.35 33.79 18.24
N PRO A 248 -2.58 33.97 17.70
CA PRO A 248 -2.86 35.14 16.88
C PRO A 248 -2.47 36.41 17.64
N GLY A 249 -1.79 37.35 16.98
CA GLY A 249 -1.44 38.63 17.59
C GLY A 249 -0.04 38.59 18.18
N ASP A 250 0.58 37.40 18.25
CA ASP A 250 1.94 37.24 18.77
C ASP A 250 3.04 37.16 17.69
N GLY A 251 2.76 37.46 16.41
CA GLY A 251 3.75 37.38 15.32
C GLY A 251 5.09 38.06 15.61
N ASP A 252 5.04 39.23 16.29
CA ASP A 252 6.20 40.11 16.47
C ASP A 252 7.16 39.54 17.50
N LYS A 253 6.78 38.47 18.20
CA LYS A 253 7.70 37.82 19.11
C LYS A 253 8.69 36.89 18.38
N TYR A 254 8.40 36.58 17.13
CA TYR A 254 9.09 35.48 16.44
C TYR A 254 10.04 36.02 15.38
N GLN A 255 11.21 35.36 15.24
CA GLN A 255 12.20 35.64 14.22
C GLN A 255 12.81 34.32 13.72
N CYS A 256 13.03 34.23 12.40
CA CYS A 256 13.65 33.09 11.75
C CYS A 256 15.15 33.38 11.63
N ARG A 257 15.99 32.40 11.97
CA ARG A 257 17.45 32.55 11.92
C ARG A 257 18.02 31.55 10.91
N VAL A 258 18.79 32.01 9.95
CA VAL A 258 19.29 31.15 8.90
C VAL A 258 20.81 31.12 9.01
N GLU A 259 21.35 29.91 9.19
CA GLU A 259 22.80 29.68 9.29
C GLU A 259 23.28 28.76 8.16
N HIS A 260 24.19 29.29 7.34
CA HIS A 260 24.62 28.60 6.14
C HIS A 260 26.05 29.00 5.79
N ALA A 261 26.75 28.07 5.13
CA ALA A 261 28.16 28.26 4.78
C ALA A 261 28.33 29.53 3.93
N SER A 262 27.26 29.94 3.16
CA SER A 262 27.37 31.09 2.26
C SER A 262 27.22 32.41 3.03
N LEU A 263 26.85 32.34 4.31
CA LEU A 263 26.52 33.53 5.10
C LEU A 263 27.52 33.67 6.24
N PRO A 264 28.38 34.68 6.19
CA PRO A 264 29.33 34.93 7.29
C PRO A 264 28.65 35.14 8.65
N GLN A 265 27.49 35.79 8.64
CA GLN A 265 26.67 35.92 9.84
C GLN A 265 25.30 35.34 9.55
N PRO A 266 24.63 34.76 10.57
CA PRO A 266 23.24 34.30 10.40
C PRO A 266 22.31 35.40 9.86
N GLY A 267 21.42 35.04 8.92
CA GLY A 267 20.35 35.92 8.50
C GLY A 267 19.22 35.88 9.54
N LEU A 268 18.64 37.05 9.85
CA LEU A 268 17.46 37.13 10.69
C LEU A 268 16.31 37.74 9.89
N TYR A 269 15.13 37.17 10.03
CA TYR A 269 13.94 37.54 9.27
C TYR A 269 12.69 37.51 10.14
N SER A 270 11.81 38.53 9.97
CA SER A 270 10.54 38.66 10.69
C SER A 270 9.33 38.50 9.76
N TRP A 271 8.14 38.31 10.36
CA TRP A 271 6.89 38.25 9.60
C TRP A 271 6.39 39.68 9.43
N GLU A 272 6.52 40.23 8.22
CA GLU A 272 5.97 41.55 7.94
C GLU A 272 4.61 41.45 7.22
N ASP B 2 4.67 -0.49 1.00
CA ASP B 2 4.94 -0.74 2.45
C ASP B 2 5.06 0.57 3.24
N LEU B 3 5.60 1.66 2.63
CA LEU B 3 5.77 2.96 3.28
C LEU B 3 5.23 4.12 2.44
N THR B 4 4.49 5.04 3.06
CA THR B 4 3.74 6.04 2.29
C THR B 4 4.64 7.20 1.87
N PRO B 5 4.37 7.85 0.72
CA PRO B 5 5.12 9.04 0.34
C PRO B 5 4.90 10.19 1.32
N LYS B 6 5.98 10.88 1.68
CA LYS B 6 5.93 12.17 2.38
C LYS B 6 6.24 13.26 1.34
N VAL B 7 5.28 14.18 1.14
CA VAL B 7 5.27 15.01 -0.05
C VAL B 7 5.36 16.47 0.36
N GLN B 8 6.07 17.26 -0.42
CA GLN B 8 6.17 18.69 -0.20
C GLN B 8 6.14 19.37 -1.55
N VAL B 9 5.57 20.59 -1.60
CA VAL B 9 5.40 21.33 -2.83
C VAL B 9 5.95 22.72 -2.57
N TYR B 10 6.77 23.23 -3.47
CA TYR B 10 7.51 24.46 -3.23
C TYR B 10 8.03 24.96 -4.58
N SER B 11 8.31 26.26 -4.65
CA SER B 11 8.86 26.83 -5.87
C SER B 11 10.36 27.00 -5.73
N ARG B 12 11.11 26.98 -6.86
CA ARG B 12 12.54 27.15 -6.80
C ARG B 12 12.92 28.46 -6.11
N PHE B 13 12.19 29.53 -6.46
CA PHE B 13 12.44 30.86 -5.97
C PHE B 13 11.20 31.28 -5.16
N PRO B 14 11.35 32.15 -4.15
CA PRO B 14 10.18 32.81 -3.55
C PRO B 14 9.38 33.46 -4.66
N ALA B 15 8.10 33.14 -4.72
CA ALA B 15 7.27 33.52 -5.86
C ALA B 15 6.77 34.97 -5.79
N SER B 16 6.53 35.53 -6.98
CA SER B 16 5.66 36.69 -7.20
C SER B 16 4.84 36.47 -8.46
N ALA B 17 3.62 37.02 -8.51
CA ALA B 17 2.77 36.87 -9.68
C ALA B 17 3.44 37.52 -10.89
N GLY B 18 3.55 36.77 -11.98
CA GLY B 18 4.19 37.32 -13.17
C GLY B 18 5.71 37.10 -13.25
N THR B 19 6.36 36.57 -12.20
CA THR B 19 7.80 36.30 -12.28
C THR B 19 7.95 34.80 -12.58
N LYS B 20 8.63 34.47 -13.68
CA LYS B 20 8.91 33.09 -14.05
C LYS B 20 9.68 32.37 -12.96
N ASN B 21 9.40 31.08 -12.79
CA ASN B 21 9.80 30.30 -11.64
C ASN B 21 9.82 28.83 -12.09
N VAL B 22 9.95 27.90 -11.15
CA VAL B 22 9.81 26.46 -11.34
C VAL B 22 9.00 25.94 -10.14
N LEU B 23 8.02 25.07 -10.41
CA LEU B 23 7.21 24.40 -9.39
C LEU B 23 7.76 23.00 -9.19
N ASN B 24 7.98 22.66 -7.91
CA ASN B 24 8.59 21.44 -7.47
C ASN B 24 7.58 20.66 -6.65
N CYS B 25 7.54 19.37 -6.93
CA CYS B 25 6.91 18.38 -6.06
C CYS B 25 7.91 17.27 -5.72
N PHE B 26 8.13 17.10 -4.40
CA PHE B 26 9.08 16.14 -3.89
C PHE B 26 8.37 15.14 -2.99
N ALA B 27 8.48 13.86 -3.39
CA ALA B 27 8.06 12.74 -2.58
C ALA B 27 9.26 11.92 -2.09
N ALA B 28 9.27 11.57 -0.81
CA ALA B 28 10.31 10.73 -0.24
C ALA B 28 9.73 9.73 0.74
N GLY B 29 10.60 8.79 1.11
CA GLY B 29 10.31 7.82 2.15
C GLY B 29 9.45 6.63 1.71
N PHE B 30 9.30 6.39 0.39
CA PHE B 30 8.30 5.44 -0.07
C PHE B 30 8.92 4.13 -0.57
N HIS B 31 8.07 3.10 -0.60
CA HIS B 31 8.36 1.79 -1.15
C HIS B 31 7.02 1.12 -1.51
N PRO B 32 6.81 0.43 -2.66
CA PRO B 32 7.78 0.30 -3.76
C PRO B 32 8.14 1.59 -4.51
N PRO B 33 9.10 1.55 -5.48
CA PRO B 33 9.49 2.77 -6.20
C PRO B 33 8.46 3.34 -7.20
N LYS B 34 7.58 2.48 -7.74
CA LYS B 34 6.54 2.95 -8.64
C LYS B 34 5.70 4.01 -7.93
N ILE B 35 5.56 5.15 -8.59
CA ILE B 35 4.81 6.27 -8.03
C ILE B 35 4.36 7.14 -9.19
N SER B 36 3.23 7.82 -8.99
CA SER B 36 2.73 8.82 -9.92
C SER B 36 2.67 10.19 -9.23
N ILE B 37 3.38 11.19 -9.79
CA ILE B 37 3.42 12.55 -9.23
C ILE B 37 3.14 13.52 -10.37
N THR B 38 2.09 14.34 -10.24
CA THR B 38 1.64 15.20 -11.34
C THR B 38 1.41 16.61 -10.81
N LEU B 39 2.03 17.62 -11.43
CA LEU B 39 1.78 19.00 -11.07
C LEU B 39 0.52 19.46 -11.79
N MET B 40 -0.35 20.19 -11.06
CA MET B 40 -1.65 20.63 -11.54
C MET B 40 -1.78 22.14 -11.38
N LYS B 41 -2.54 22.72 -12.30
CA LYS B 41 -2.91 24.13 -12.29
C LYS B 41 -4.41 24.17 -12.46
N ASP B 42 -5.12 24.79 -11.50
CA ASP B 42 -6.57 24.87 -11.57
C ASP B 42 -7.22 23.53 -11.92
N GLY B 43 -6.68 22.47 -11.32
CA GLY B 43 -7.23 21.15 -11.42
C GLY B 43 -6.87 20.43 -12.73
N VAL B 44 -5.94 21.00 -13.52
CA VAL B 44 -5.53 20.42 -14.80
C VAL B 44 -4.03 20.20 -14.80
N PRO B 45 -3.49 19.07 -15.32
CA PRO B 45 -2.03 18.88 -15.36
C PRO B 45 -1.28 20.01 -16.08
N MET B 46 -0.14 20.41 -15.52
CA MET B 46 0.68 21.48 -16.05
C MET B 46 1.51 20.95 -17.22
N GLU B 47 1.90 21.82 -18.16
CA GLU B 47 2.72 21.43 -19.30
C GLU B 47 4.22 21.48 -18.95
N GLY B 48 5.03 20.54 -19.50
CA GLY B 48 6.48 20.60 -19.47
C GLY B 48 7.12 20.13 -18.15
N ALA B 49 6.49 19.15 -17.48
CA ALA B 49 7.00 18.57 -16.26
C ALA B 49 8.25 17.74 -16.57
N GLN B 50 9.15 17.58 -15.58
CA GLN B 50 10.41 16.87 -15.66
C GLN B 50 10.63 16.03 -14.39
N TYR B 51 10.93 14.74 -14.61
CA TYR B 51 10.95 13.76 -13.53
C TYR B 51 12.42 13.48 -13.19
N SER B 52 12.75 13.60 -11.90
CA SER B 52 14.08 13.34 -11.38
C SER B 52 14.54 11.96 -11.80
N MET B 54 14.44 10.42 -8.36
CA MET B 54 14.90 9.15 -8.94
C MET B 54 16.11 8.65 -8.14
N SER B 55 15.96 8.59 -6.82
CA SER B 55 17.06 8.17 -5.95
C SER B 55 16.49 7.32 -4.81
N PHE B 56 17.35 6.84 -3.93
CA PHE B 56 16.95 6.35 -2.62
C PHE B 56 18.04 6.67 -1.61
N ASN B 57 17.63 6.65 -0.35
CA ASN B 57 18.48 7.03 0.77
C ASN B 57 19.11 5.81 1.40
N ASP B 58 19.82 6.08 2.51
CA ASP B 58 20.59 5.08 3.21
C ASP B 58 19.69 4.03 3.87
N ASP B 59 18.44 4.39 4.15
CA ASP B 59 17.45 3.48 4.72
C ASP B 59 16.74 2.67 3.61
N TRP B 60 17.11 2.92 2.34
CA TRP B 60 16.63 2.18 1.19
C TRP B 60 15.32 2.76 0.66
N THR B 61 14.71 3.75 1.32
CA THR B 61 13.44 4.25 0.81
C THR B 61 13.67 5.19 -0.37
N PHE B 62 12.71 5.21 -1.32
CA PHE B 62 12.83 6.01 -2.52
C PHE B 62 12.34 7.44 -2.37
N GLN B 63 12.82 8.28 -3.27
CA GLN B 63 12.41 9.65 -3.38
C GLN B 63 12.40 9.98 -4.86
N ARG B 64 11.59 10.96 -5.20
CA ARG B 64 11.43 11.40 -6.57
C ARG B 64 11.06 12.87 -6.54
N LEU B 65 11.69 13.66 -7.41
CA LEU B 65 11.36 15.05 -7.66
C LEU B 65 10.77 15.22 -9.07
N VAL B 66 9.68 15.98 -9.08
CA VAL B 66 9.07 16.48 -10.30
C VAL B 66 9.12 17.99 -10.26
N HIS B 67 9.56 18.58 -11.39
CA HIS B 67 9.65 20.02 -11.51
C HIS B 67 9.16 20.45 -12.89
N ALA B 68 8.58 21.65 -12.96
CA ALA B 68 8.16 22.25 -14.21
C ALA B 68 8.33 23.76 -14.16
N ASP B 69 8.84 24.35 -15.23
CA ASP B 69 8.87 25.81 -15.34
C ASP B 69 7.44 26.32 -15.37
N PHE B 70 7.20 27.48 -14.72
CA PHE B 70 5.90 28.13 -14.73
C PHE B 70 6.05 29.60 -14.34
N THR B 71 5.02 30.37 -14.70
CA THR B 71 4.83 31.71 -14.16
C THR B 71 3.56 31.71 -13.34
N PRO B 72 3.65 31.82 -12.01
CA PRO B 72 2.47 31.78 -11.15
C PRO B 72 1.60 32.99 -11.44
N SER B 73 0.29 32.74 -11.56
CA SER B 73 -0.69 33.80 -11.65
C SER B 73 -1.47 33.94 -10.36
N SER B 74 -1.88 35.18 -10.06
CA SER B 74 -2.73 35.49 -8.92
C SER B 74 -4.05 34.72 -8.96
N GLY B 75 -4.59 34.54 -10.17
CA GLY B 75 -5.94 34.02 -10.28
C GLY B 75 -6.03 32.49 -10.18
N SER B 76 -4.88 31.79 -10.15
CA SER B 76 -4.84 30.33 -10.21
C SER B 76 -4.36 29.72 -8.90
N THR B 77 -4.63 28.40 -8.75
CA THR B 77 -4.04 27.60 -7.69
C THR B 77 -3.26 26.45 -8.33
N TYR B 78 -2.28 25.95 -7.59
CA TYR B 78 -1.36 24.92 -8.08
C TYR B 78 -1.32 23.84 -7.01
N ALA B 79 -1.07 22.62 -7.47
CA ALA B 79 -1.01 21.50 -6.57
C ALA B 79 -0.21 20.36 -7.21
N CYS B 80 0.01 19.34 -6.38
CA CYS B 80 0.68 18.13 -6.76
C CYS B 80 -0.19 16.96 -6.35
N LYS B 81 -0.53 16.10 -7.31
CA LYS B 81 -1.34 14.93 -7.10
C LYS B 81 -0.46 13.69 -7.13
N VAL B 82 -0.61 12.86 -6.08
CA VAL B 82 0.25 11.71 -5.85
C VAL B 82 -0.58 10.45 -5.74
N GLU B 83 -0.21 9.45 -6.54
CA GLU B 83 -0.76 8.13 -6.46
C GLU B 83 0.36 7.13 -6.15
N HIS B 84 0.13 6.28 -5.14
CA HIS B 84 1.09 5.27 -4.74
C HIS B 84 0.29 4.09 -4.19
N GLU B 85 0.80 2.87 -4.40
CA GLU B 85 0.12 1.64 -4.01
C GLU B 85 -0.21 1.58 -2.52
N THR B 86 0.43 2.44 -1.74
CA THR B 86 0.20 2.48 -0.30
C THR B 86 -1.01 3.32 0.07
N LEU B 87 -1.58 4.05 -0.90
CA LEU B 87 -2.69 4.96 -0.66
C LEU B 87 -3.93 4.46 -1.38
N LYS B 88 -5.08 4.66 -0.76
CA LYS B 88 -6.35 4.25 -1.35
C LYS B 88 -6.67 5.15 -2.53
N GLU B 89 -6.54 6.46 -2.31
CA GLU B 89 -6.96 7.49 -3.24
C GLU B 89 -5.80 8.42 -3.54
N PRO B 90 -5.76 9.06 -4.73
CA PRO B 90 -4.74 10.06 -5.03
C PRO B 90 -4.77 11.10 -3.92
N GLN B 91 -3.62 11.57 -3.45
CA GLN B 91 -3.58 12.65 -2.47
C GLN B 91 -3.13 13.90 -3.20
N VAL B 92 -3.71 15.06 -2.82
CA VAL B 92 -3.47 16.33 -3.48
C VAL B 92 -2.86 17.29 -2.46
N TYR B 93 -1.65 17.77 -2.73
CA TYR B 93 -0.91 18.69 -1.87
C TYR B 93 -0.89 20.06 -2.51
N LYS B 94 -1.36 21.07 -1.80
CA LYS B 94 -1.52 22.40 -2.39
C LYS B 94 -0.18 23.14 -2.30
N TRP B 95 0.15 23.96 -3.32
CA TRP B 95 1.22 24.92 -3.19
C TRP B 95 0.72 26.18 -2.48
N ASP B 96 1.50 26.63 -1.49
CA ASP B 96 1.33 27.96 -0.93
C ASP B 96 2.18 28.98 -1.72
N PRO B 97 1.57 29.91 -2.48
CA PRO B 97 2.37 30.89 -3.27
C PRO B 97 3.16 31.86 -2.41
N GLU B 98 2.66 32.19 -1.19
CA GLU B 98 3.35 33.06 -0.25
C GLU B 98 3.59 34.42 -0.92
N PHE B 99 2.57 34.85 -1.66
CA PHE B 99 2.43 36.23 -2.05
C PHE B 99 0.92 36.51 -2.22
N TRP C 1 34.39 5.54 -10.80
CA TRP C 1 34.41 4.38 -11.73
C TRP C 1 33.66 3.22 -11.10
N ILE C 2 32.66 2.72 -11.82
CA ILE C 2 31.71 1.74 -11.28
C ILE C 2 32.34 0.36 -11.10
N ILE C 3 31.61 -0.49 -10.33
CA ILE C 3 31.97 -1.90 -10.16
C ILE C 3 31.61 -2.69 -11.42
N ARG C 4 32.50 -3.63 -11.81
CA ARG C 4 32.14 -4.69 -12.75
C ARG C 4 31.58 -5.88 -11.97
N ASN C 5 30.33 -6.24 -12.24
CA ASN C 5 29.66 -7.23 -11.44
C ASN C 5 30.42 -8.56 -11.55
N TRP C 6 30.37 -9.34 -10.47
CA TRP C 6 30.95 -10.66 -10.47
C TRP C 6 29.81 -11.65 -10.78
N GLU C 7 29.64 -12.72 -10.01
CA GLU C 7 28.58 -13.67 -10.32
C GLU C 7 27.24 -13.11 -9.83
N THR C 8 26.12 -13.68 -10.34
CA THR C 8 24.79 -13.46 -9.79
C THR C 8 24.76 -13.91 -8.34
N VAL C 9 23.67 -13.50 -7.64
CA VAL C 9 23.39 -13.86 -6.26
C VAL C 9 23.09 -15.36 -6.18
N MET D 1 -27.22 -5.92 26.08
CA MET D 1 -28.11 -5.18 25.14
C MET D 1 -28.15 -5.90 23.79
N GLU D 2 -29.35 -5.96 23.20
CA GLU D 2 -29.59 -6.78 22.01
C GLU D 2 -29.44 -5.95 20.75
N LEU D 3 -28.40 -6.25 19.97
CA LEU D 3 -28.07 -5.54 18.74
C LEU D 3 -28.33 -6.49 17.57
N HIS D 4 -29.04 -6.02 16.55
CA HIS D 4 -29.26 -6.80 15.32
C HIS D 4 -29.09 -5.90 14.10
N THR D 5 -28.72 -6.51 12.97
CA THR D 5 -28.39 -5.77 11.74
C THR D 5 -29.02 -6.49 10.55
N LEU D 6 -29.49 -5.69 9.59
CA LEU D 6 -30.00 -6.18 8.31
C LEU D 6 -29.24 -5.43 7.24
N ARG D 7 -28.52 -6.17 6.39
CA ARG D 7 -27.68 -5.57 5.39
C ARG D 7 -27.91 -6.30 4.06
N TYR D 8 -28.25 -5.51 3.03
CA TYR D 8 -28.35 -5.99 1.66
C TYR D 8 -27.19 -5.45 0.85
N ILE D 9 -26.59 -6.35 0.05
CA ILE D 9 -25.54 -5.89 -0.85
C ILE D 9 -25.86 -6.37 -2.26
N ARG D 10 -25.42 -5.55 -3.24
CA ARG D 10 -25.77 -5.78 -4.60
C ARG D 10 -24.61 -5.38 -5.52
N THR D 11 -24.37 -6.21 -6.56
CA THR D 11 -23.31 -5.94 -7.52
C THR D 11 -23.82 -6.12 -8.96
N ALA D 12 -23.47 -5.17 -9.84
CA ALA D 12 -23.70 -5.35 -11.27
C ALA D 12 -22.35 -5.26 -11.96
N MET D 13 -21.99 -6.27 -12.77
CA MET D 13 -20.67 -6.33 -13.40
C MET D 13 -20.79 -6.44 -14.93
N THR D 14 -19.88 -5.78 -15.67
CA THR D 14 -19.66 -6.10 -17.08
C THR D 14 -18.88 -7.41 -17.21
N ASP D 15 -18.19 -7.85 -16.14
CA ASP D 15 -17.24 -8.95 -16.23
C ASP D 15 -17.22 -9.82 -14.96
N PRO D 16 -18.25 -10.64 -14.75
CA PRO D 16 -18.30 -11.45 -13.53
C PRO D 16 -17.28 -12.58 -13.53
N GLY D 17 -16.92 -13.02 -14.73
CA GLY D 17 -16.09 -14.20 -14.92
C GLY D 17 -16.86 -15.31 -15.64
N PRO D 18 -16.16 -16.26 -16.31
CA PRO D 18 -16.86 -17.25 -17.14
C PRO D 18 -17.91 -18.04 -16.35
N GLY D 19 -19.14 -18.08 -16.88
CA GLY D 19 -20.22 -18.85 -16.29
C GLY D 19 -20.76 -18.26 -14.99
N LEU D 20 -20.49 -16.98 -14.71
CA LEU D 20 -21.01 -16.41 -13.47
C LEU D 20 -22.04 -15.32 -13.75
N PRO D 21 -23.01 -15.07 -12.86
CA PRO D 21 -24.01 -14.00 -13.07
C PRO D 21 -23.42 -12.60 -12.98
N TRP D 22 -23.86 -11.72 -13.90
CA TRP D 22 -23.39 -10.35 -13.87
C TRP D 22 -24.06 -9.55 -12.74
N TYR D 23 -25.18 -10.06 -12.22
CA TYR D 23 -25.97 -9.31 -11.26
C TYR D 23 -26.21 -10.22 -10.06
N VAL D 24 -25.84 -9.76 -8.85
CA VAL D 24 -26.01 -10.53 -7.63
C VAL D 24 -26.46 -9.62 -6.49
N ASP D 25 -27.50 -10.06 -5.77
CA ASP D 25 -28.06 -9.34 -4.63
C ASP D 25 -28.21 -10.33 -3.45
N VAL D 26 -27.60 -10.05 -2.28
CA VAL D 26 -27.73 -10.95 -1.13
C VAL D 26 -28.04 -10.16 0.15
N GLY D 27 -28.71 -10.84 1.09
CA GLY D 27 -29.03 -10.21 2.35
C GLY D 27 -28.39 -10.96 3.51
N TYR D 28 -28.13 -10.20 4.59
CA TYR D 28 -27.56 -10.74 5.79
C TYR D 28 -28.31 -10.21 6.99
N VAL D 29 -28.59 -11.10 7.94
CA VAL D 29 -29.10 -10.73 9.26
C VAL D 29 -28.02 -11.10 10.29
N ASP D 30 -27.52 -10.10 11.03
CA ASP D 30 -26.50 -10.25 12.05
C ASP D 30 -25.26 -10.91 11.46
N GLY D 31 -25.01 -10.59 10.18
CA GLY D 31 -23.84 -11.01 9.44
C GLY D 31 -24.04 -12.41 8.86
N GLU D 32 -25.20 -13.03 9.04
CA GLU D 32 -25.52 -14.32 8.44
C GLU D 32 -26.29 -14.20 7.13
N LEU D 33 -25.67 -14.75 6.06
CA LEU D 33 -26.29 -14.76 4.72
C LEU D 33 -27.63 -15.47 4.80
N PHE D 34 -28.76 -14.86 4.41
CA PHE D 34 -30.04 -15.54 4.54
C PHE D 34 -30.88 -15.54 3.25
N VAL D 35 -30.60 -14.67 2.28
CA VAL D 35 -31.27 -14.68 0.98
C VAL D 35 -30.28 -14.33 -0.13
N HIS D 36 -30.66 -14.68 -1.39
CA HIS D 36 -29.83 -14.53 -2.54
C HIS D 36 -30.69 -14.47 -3.81
N TYR D 37 -30.35 -13.56 -4.71
CA TYR D 37 -30.94 -13.48 -6.03
C TYR D 37 -29.77 -13.29 -6.99
N ASN D 38 -29.94 -13.73 -8.23
CA ASN D 38 -28.96 -13.42 -9.26
C ASN D 38 -29.63 -13.53 -10.62
N SER D 39 -28.91 -13.06 -11.64
CA SER D 39 -29.47 -12.89 -12.97
C SER D 39 -29.61 -14.22 -13.72
N THR D 40 -28.96 -15.29 -13.22
CA THR D 40 -29.06 -16.61 -13.82
C THR D 40 -30.30 -17.31 -13.27
N ALA D 41 -30.41 -17.42 -11.94
CA ALA D 41 -31.53 -18.09 -11.31
C ALA D 41 -32.83 -17.29 -11.46
N ARG D 42 -32.73 -15.96 -11.42
CA ARG D 42 -33.87 -15.04 -11.52
C ARG D 42 -34.92 -15.28 -10.43
N ARG D 43 -34.49 -15.74 -9.25
CA ARG D 43 -35.39 -15.98 -8.14
C ARG D 43 -34.68 -15.63 -6.83
N TYR D 44 -35.43 -15.17 -5.80
CA TYR D 44 -34.88 -15.09 -4.45
C TYR D 44 -34.99 -16.48 -3.79
N VAL D 45 -33.91 -16.96 -3.18
CA VAL D 45 -33.90 -18.27 -2.53
C VAL D 45 -33.37 -18.15 -1.09
N PRO D 46 -33.77 -19.06 -0.18
CA PRO D 46 -33.21 -19.12 1.17
C PRO D 46 -31.75 -19.58 1.20
N ARG D 47 -31.01 -19.02 2.16
CA ARG D 47 -29.64 -19.44 2.42
C ARG D 47 -29.48 -19.89 3.86
N THR D 48 -30.56 -19.76 4.67
CA THR D 48 -30.63 -20.37 5.99
C THR D 48 -31.86 -21.26 6.09
N GLU D 49 -31.80 -22.23 7.00
CA GLU D 49 -32.92 -23.11 7.31
C GLU D 49 -34.09 -22.33 7.91
N TRP D 50 -33.78 -21.36 8.80
CA TRP D 50 -34.85 -20.66 9.50
C TRP D 50 -35.67 -19.76 8.58
N ILE D 51 -35.08 -19.08 7.57
CA ILE D 51 -35.89 -18.27 6.67
C ILE D 51 -36.72 -19.20 5.77
N ALA D 52 -36.12 -20.36 5.42
CA ALA D 52 -36.76 -21.36 4.56
C ALA D 52 -38.02 -21.90 5.22
N ALA D 53 -37.94 -22.11 6.54
CA ALA D 53 -39.07 -22.65 7.28
C ALA D 53 -40.16 -21.60 7.49
N LYS D 54 -39.82 -20.34 7.79
CA LYS D 54 -40.82 -19.48 8.41
C LYS D 54 -41.39 -18.41 7.46
N ALA D 55 -40.74 -18.14 6.33
CA ALA D 55 -41.31 -17.24 5.35
C ALA D 55 -42.40 -17.96 4.56
N ASP D 56 -43.44 -17.25 4.12
CA ASP D 56 -44.50 -17.87 3.33
C ASP D 56 -44.05 -17.98 1.87
N GLN D 57 -44.99 -18.36 0.97
CA GLN D 57 -44.66 -18.45 -0.44
C GLN D 57 -44.64 -17.06 -1.04
N GLN D 58 -45.53 -16.19 -0.55
CA GLN D 58 -45.67 -14.83 -1.06
C GLN D 58 -44.36 -14.08 -0.86
N TYR D 59 -43.62 -14.41 0.20
CA TYR D 59 -42.33 -13.82 0.45
C TYR D 59 -41.40 -14.06 -0.74
N TRP D 60 -41.29 -15.32 -1.17
CA TRP D 60 -40.35 -15.70 -2.21
C TRP D 60 -40.77 -15.14 -3.56
N ASP D 61 -42.08 -15.17 -3.85
CA ASP D 61 -42.58 -14.75 -5.14
C ASP D 61 -42.60 -13.23 -5.22
N GLY D 62 -42.96 -12.58 -4.11
CA GLY D 62 -43.01 -11.13 -4.06
C GLY D 62 -41.64 -10.55 -4.36
N GLN D 63 -40.63 -11.06 -3.67
CA GLN D 63 -39.30 -10.48 -3.82
C GLN D 63 -38.68 -10.87 -5.16
N THR D 64 -39.06 -12.04 -5.70
CA THR D 64 -38.55 -12.46 -7.01
C THR D 64 -38.94 -11.40 -8.03
N GLN D 65 -40.19 -10.93 -7.98
CA GLN D 65 -40.72 -9.95 -8.93
C GLN D 65 -40.00 -8.62 -8.78
N ILE D 66 -39.80 -8.19 -7.54
CA ILE D 66 -39.04 -6.99 -7.27
C ILE D 66 -37.63 -7.20 -7.81
N GLY D 67 -37.06 -8.38 -7.55
CA GLY D 67 -35.72 -8.68 -7.97
C GLY D 67 -35.57 -8.58 -9.50
N GLN D 68 -36.56 -9.11 -10.22
CA GLN D 68 -36.53 -9.08 -11.67
C GLN D 68 -36.68 -7.64 -12.15
N GLY D 69 -37.51 -6.83 -11.47
CA GLY D 69 -37.65 -5.44 -11.85
C GLY D 69 -36.35 -4.68 -11.62
N ASN D 70 -35.75 -4.86 -10.43
CA ASN D 70 -34.50 -4.21 -10.05
C ASN D 70 -33.38 -4.53 -11.04
N GLU D 71 -33.27 -5.80 -11.41
CA GLU D 71 -32.25 -6.27 -12.35
C GLU D 71 -32.26 -5.41 -13.62
N GLN D 72 -33.46 -5.18 -14.18
CA GLN D 72 -33.64 -4.42 -15.41
C GLN D 72 -33.16 -2.98 -15.18
N ILE D 73 -33.53 -2.38 -14.05
CA ILE D 73 -33.10 -1.03 -13.74
C ILE D 73 -31.58 -1.03 -13.59
N ASP D 74 -31.05 -2.11 -12.96
CA ASP D 74 -29.63 -2.18 -12.65
C ASP D 74 -28.83 -2.45 -13.92
N ARG D 75 -29.33 -3.29 -14.83
CA ARG D 75 -28.71 -3.47 -16.14
C ARG D 75 -28.53 -2.11 -16.83
N GLU D 76 -29.63 -1.33 -16.86
CA GLU D 76 -29.66 0.01 -17.43
C GLU D 76 -28.64 0.91 -16.73
N ASN D 77 -28.54 0.85 -15.40
CA ASN D 77 -27.67 1.73 -14.63
C ASN D 77 -26.21 1.57 -15.06
N LEU D 78 -25.80 0.31 -15.26
CA LEU D 78 -24.44 -0.02 -15.61
C LEU D 78 -24.15 0.53 -17.01
N GLY D 79 -25.10 0.27 -17.92
CA GLY D 79 -25.12 0.80 -19.27
C GLY D 79 -25.06 2.33 -19.28
N ILE D 80 -25.95 2.98 -18.52
CA ILE D 80 -25.98 4.42 -18.38
C ILE D 80 -24.62 4.92 -17.88
N LEU D 81 -24.15 4.39 -16.75
CA LEU D 81 -22.92 4.88 -16.15
C LEU D 81 -21.71 4.73 -17.08
N GLN D 82 -21.74 3.72 -17.97
CA GLN D 82 -20.64 3.51 -18.90
C GLN D 82 -20.74 4.53 -20.00
N ARG D 83 -21.94 4.64 -20.59
CA ARG D 83 -22.19 5.66 -21.60
C ARG D 83 -21.83 7.02 -21.00
N ARG D 84 -22.26 7.29 -19.76
CA ARG D 84 -22.02 8.57 -19.09
C ARG D 84 -20.53 8.82 -18.96
N TYR D 85 -19.74 7.78 -18.66
CA TYR D 85 -18.30 7.94 -18.47
C TYR D 85 -17.53 7.79 -19.81
N ASN D 86 -18.34 7.71 -20.93
CA ASN D 86 -17.84 7.50 -22.28
C ASN D 86 -16.80 6.36 -22.36
N GLN D 87 -17.25 5.14 -21.96
CA GLN D 87 -16.40 3.97 -21.84
C GLN D 87 -16.95 2.88 -22.77
N THR D 88 -16.07 2.24 -23.57
CA THR D 88 -16.47 1.13 -24.42
C THR D 88 -15.80 -0.14 -23.91
N GLY D 89 -16.65 -1.14 -23.53
CA GLY D 89 -16.09 -2.44 -23.15
C GLY D 89 -15.33 -2.34 -21.83
N GLY D 90 -14.60 -3.42 -21.53
CA GLY D 90 -13.78 -3.47 -20.34
C GLY D 90 -14.59 -3.84 -19.11
N SER D 91 -13.94 -3.64 -17.96
CA SER D 91 -14.39 -4.13 -16.68
C SER D 91 -14.95 -2.98 -15.85
N HIS D 92 -16.26 -3.00 -15.63
CA HIS D 92 -16.90 -2.00 -14.77
C HIS D 92 -17.87 -2.72 -13.84
N THR D 93 -18.01 -2.16 -12.63
CA THR D 93 -18.79 -2.75 -11.56
C THR D 93 -19.58 -1.66 -10.84
N VAL D 94 -20.90 -1.83 -10.70
CA VAL D 94 -21.70 -1.02 -9.78
C VAL D 94 -21.99 -1.82 -8.50
N GLN D 95 -21.88 -1.16 -7.32
CA GLN D 95 -22.17 -1.79 -6.04
C GLN D 95 -23.08 -0.89 -5.19
N TRP D 96 -23.92 -1.55 -4.38
CA TRP D 96 -24.82 -0.89 -3.45
C TRP D 96 -24.79 -1.67 -2.13
N MET D 97 -24.88 -0.94 -1.01
CA MET D 97 -25.19 -1.59 0.25
C MET D 97 -26.11 -0.71 1.08
N TYR D 98 -27.08 -1.33 1.73
CA TYR D 98 -28.09 -0.59 2.46
C TYR D 98 -28.62 -1.49 3.56
N GLY D 99 -29.20 -0.84 4.60
CA GLY D 99 -30.00 -1.54 5.56
C GLY D 99 -30.14 -0.76 6.87
N CYS D 100 -30.33 -1.50 7.97
CA CYS D 100 -30.77 -0.89 9.22
C CYS D 100 -30.24 -1.72 10.39
N ASP D 101 -30.07 -1.06 11.55
CA ASP D 101 -29.60 -1.66 12.79
C ASP D 101 -30.63 -1.33 13.87
N ILE D 102 -30.91 -2.31 14.75
CA ILE D 102 -31.76 -2.13 15.90
C ILE D 102 -31.00 -2.48 17.18
N LEU D 103 -31.34 -1.78 18.25
CA LEU D 103 -30.73 -1.97 19.56
C LEU D 103 -31.86 -1.96 20.59
N GLU D 104 -32.09 -3.08 21.27
CA GLU D 104 -33.25 -3.26 22.14
C GLU D 104 -34.54 -3.02 21.36
N GLY D 105 -34.57 -3.44 20.10
CA GLY D 105 -35.80 -3.35 19.33
C GLY D 105 -35.96 -2.00 18.64
N GLY D 106 -35.12 -1.00 18.98
CA GLY D 106 -35.28 0.36 18.49
C GLY D 106 -34.26 0.68 17.39
N PRO D 107 -34.64 1.39 16.30
CA PRO D 107 -33.72 1.68 15.19
C PRO D 107 -32.59 2.62 15.58
N ILE D 108 -31.36 2.32 15.14
CA ILE D 108 -30.22 3.16 15.45
C ILE D 108 -29.42 3.54 14.21
N ARG D 109 -29.64 2.86 13.08
CA ARG D 109 -28.90 3.15 11.87
C ARG D 109 -29.84 2.79 10.72
N GLY D 110 -29.84 3.64 9.71
CA GLY D 110 -30.48 3.40 8.43
C GLY D 110 -29.64 4.02 7.33
N TYR D 111 -29.22 3.25 6.31
CA TYR D 111 -28.22 3.72 5.37
C TYR D 111 -28.42 3.12 3.98
N TYR D 112 -27.82 3.81 2.99
CA TYR D 112 -27.94 3.45 1.60
C TYR D 112 -26.78 4.10 0.86
N GLN D 113 -25.96 3.28 0.20
CA GLN D 113 -24.67 3.72 -0.30
C GLN D 113 -24.41 3.00 -1.62
N MET D 114 -23.81 3.70 -2.60
CA MET D 114 -23.54 3.14 -3.91
C MET D 114 -22.10 3.41 -4.31
N ALA D 115 -21.48 2.48 -5.08
CA ALA D 115 -20.15 2.69 -5.65
C ALA D 115 -20.11 2.38 -7.14
N TYR D 116 -19.22 3.07 -7.87
CA TYR D 116 -18.87 2.72 -9.24
C TYR D 116 -17.36 2.45 -9.24
N ASP D 117 -16.95 1.34 -9.89
CA ASP D 117 -15.56 0.95 -10.05
C ASP D 117 -14.80 1.06 -8.73
N GLY D 118 -15.40 0.56 -7.64
CA GLY D 118 -14.68 0.35 -6.39
C GLY D 118 -14.61 1.57 -5.48
N ARG D 119 -15.28 2.68 -5.86
CA ARG D 119 -15.19 3.97 -5.17
C ARG D 119 -16.57 4.55 -4.96
N ASP D 120 -16.73 5.34 -3.90
CA ASP D 120 -18.02 5.93 -3.52
C ASP D 120 -18.60 6.72 -4.70
N PHE D 121 -19.92 6.64 -4.88
CA PHE D 121 -20.62 7.31 -5.96
C PHE D 121 -21.69 8.22 -5.35
N THR D 122 -22.58 7.64 -4.53
CA THR D 122 -23.59 8.41 -3.81
C THR D 122 -23.87 7.71 -2.48
N ALA D 123 -24.43 8.47 -1.53
CA ALA D 123 -24.97 7.97 -0.29
C ALA D 123 -26.20 8.80 0.10
N PHE D 124 -27.13 8.17 0.81
CA PHE D 124 -28.35 8.84 1.24
C PHE D 124 -28.13 9.40 2.63
N ASP D 125 -28.46 10.68 2.82
CA ASP D 125 -28.48 11.28 4.14
C ASP D 125 -29.93 11.40 4.57
N LYS D 126 -30.31 10.53 5.51
CA LYS D 126 -31.68 10.32 5.93
C LYS D 126 -32.25 11.56 6.66
N GLY D 127 -31.39 12.25 7.41
CA GLY D 127 -31.80 13.44 8.15
C GLY D 127 -32.25 14.56 7.22
N THR D 128 -31.39 14.89 6.23
CA THR D 128 -31.61 15.99 5.30
C THR D 128 -32.45 15.54 4.10
N MET D 129 -32.53 14.22 3.89
CA MET D 129 -33.23 13.62 2.77
C MET D 129 -32.63 14.06 1.44
N THR D 130 -31.29 14.02 1.36
CA THR D 130 -30.55 14.34 0.16
C THR D 130 -29.54 13.23 -0.12
N PHE D 131 -29.02 13.23 -1.36
CA PHE D 131 -27.96 12.34 -1.78
C PHE D 131 -26.67 13.14 -1.98
N THR D 132 -25.56 12.55 -1.55
CA THR D 132 -24.24 13.18 -1.59
C THR D 132 -23.53 12.71 -2.84
N ALA D 133 -23.01 13.66 -3.62
CA ALA D 133 -22.23 13.36 -4.82
C ALA D 133 -20.76 13.34 -4.46
N ALA D 134 -20.20 12.14 -4.31
CA ALA D 134 -18.80 11.95 -3.96
C ALA D 134 -17.92 12.06 -5.21
N VAL D 135 -18.55 12.14 -6.40
CA VAL D 135 -17.84 12.28 -7.67
C VAL D 135 -18.71 13.10 -8.62
N PRO D 136 -18.11 13.85 -9.59
CA PRO D 136 -18.90 14.71 -10.47
C PRO D 136 -19.98 13.96 -11.24
N GLU D 137 -19.75 12.67 -11.58
CA GLU D 137 -20.68 11.94 -12.44
C GLU D 137 -21.91 11.52 -11.63
N ALA D 138 -21.84 11.77 -10.33
CA ALA D 138 -22.94 11.47 -9.42
C ALA D 138 -23.88 12.67 -9.32
N VAL D 139 -23.51 13.79 -9.95
CA VAL D 139 -24.31 15.00 -9.84
C VAL D 139 -25.65 14.79 -10.53
N PRO D 140 -25.73 14.30 -11.80
CA PRO D 140 -27.03 14.14 -12.47
C PRO D 140 -27.95 13.16 -11.75
N THR D 141 -27.34 12.20 -11.04
CA THR D 141 -28.09 11.21 -10.28
C THR D 141 -28.72 11.86 -9.04
N LYS D 142 -27.90 12.60 -8.27
CA LYS D 142 -28.35 13.38 -7.14
C LYS D 142 -29.55 14.25 -7.51
N ARG D 143 -29.49 14.95 -8.65
CA ARG D 143 -30.60 15.80 -9.06
C ARG D 143 -31.84 14.96 -9.34
N LYS D 144 -31.72 14.03 -10.29
CA LYS D 144 -32.83 13.19 -10.72
C LYS D 144 -33.58 12.59 -9.53
N TRP D 145 -32.85 12.24 -8.47
CA TRP D 145 -33.44 11.51 -7.36
C TRP D 145 -34.06 12.45 -6.33
N GLU D 146 -33.44 13.62 -6.12
CA GLU D 146 -33.88 14.56 -5.08
C GLU D 146 -35.16 15.30 -5.49
N GLU D 147 -35.51 15.26 -6.79
CA GLU D 147 -36.70 15.96 -7.26
C GLU D 147 -37.88 14.98 -7.37
N GLY D 148 -37.79 13.87 -6.62
CA GLY D 148 -38.95 13.12 -6.20
C GLY D 148 -39.38 13.57 -4.80
N TYR D 150 -38.96 10.66 -4.00
CA TYR D 150 -38.08 9.46 -3.95
C TYR D 150 -37.32 9.41 -2.64
N ALA D 151 -36.72 10.53 -2.24
CA ALA D 151 -36.00 10.58 -0.99
C ALA D 151 -36.95 10.31 0.18
N GLU D 152 -38.18 10.82 0.10
CA GLU D 152 -39.15 10.55 1.15
C GLU D 152 -39.45 9.05 1.18
N GLY D 153 -39.52 8.41 0.00
CA GLY D 153 -39.78 6.98 -0.09
C GLY D 153 -38.69 6.15 0.58
N LEU D 154 -37.43 6.50 0.29
CA LEU D 154 -36.28 5.78 0.80
C LEU D 154 -36.16 5.95 2.32
N LYS D 155 -36.43 7.16 2.81
CA LYS D 155 -36.38 7.42 4.23
C LYS D 155 -37.36 6.50 4.95
N GLN D 156 -38.59 6.42 4.41
CA GLN D 156 -39.63 5.55 4.92
C GLN D 156 -39.18 4.08 4.91
N TYR D 157 -38.52 3.66 3.82
CA TYR D 157 -38.06 2.27 3.72
C TYR D 157 -37.05 1.97 4.83
N LEU D 158 -36.12 2.89 5.08
CA LEU D 158 -35.04 2.66 6.01
C LEU D 158 -35.48 2.75 7.46
N GLU D 159 -36.50 3.56 7.75
CA GLU D 159 -36.95 3.77 9.11
C GLU D 159 -38.13 2.87 9.44
N GLU D 160 -38.86 2.38 8.43
CA GLU D 160 -40.10 1.65 8.71
C GLU D 160 -39.98 0.21 8.22
N THR D 161 -39.98 0.01 6.89
CA THR D 161 -39.98 -1.31 6.29
C THR D 161 -38.80 -2.14 6.78
N CYS D 162 -37.60 -1.56 6.75
CA CYS D 162 -36.37 -2.30 7.00
C CYS D 162 -36.42 -2.77 8.46
N VAL D 163 -36.85 -1.87 9.34
CA VAL D 163 -36.88 -2.14 10.76
C VAL D 163 -37.95 -3.18 11.09
N GLU D 164 -39.17 -3.07 10.55
CA GLU D 164 -40.18 -4.05 10.90
C GLU D 164 -39.75 -5.43 10.39
N TRP D 165 -39.13 -5.54 9.22
CA TRP D 165 -38.71 -6.86 8.73
C TRP D 165 -37.54 -7.45 9.54
N LEU D 166 -36.55 -6.60 9.92
CA LEU D 166 -35.49 -7.02 10.82
C LEU D 166 -36.06 -7.62 12.12
N ARG D 167 -37.02 -6.93 12.76
CA ARG D 167 -37.67 -7.46 13.97
C ARG D 167 -38.28 -8.84 13.66
N ARG D 168 -38.92 -8.98 12.50
CA ARG D 168 -39.53 -10.25 12.10
C ARG D 168 -38.49 -11.34 11.90
N TYR D 169 -37.38 -11.02 11.22
CA TYR D 169 -36.32 -11.97 10.94
C TYR D 169 -35.67 -12.45 12.23
N VAL D 170 -35.44 -11.50 13.14
CA VAL D 170 -34.80 -11.75 14.41
C VAL D 170 -35.65 -12.73 15.20
N GLU D 171 -36.98 -12.58 15.14
CA GLU D 171 -37.89 -13.49 15.81
C GLU D 171 -37.89 -14.87 15.13
N TYR D 172 -37.93 -14.90 13.79
CA TYR D 172 -37.82 -16.16 13.04
C TYR D 172 -36.52 -16.93 13.31
N GLY D 173 -35.39 -16.25 13.38
CA GLY D 173 -34.08 -16.88 13.47
C GLY D 173 -33.48 -16.85 14.88
N LYS D 174 -34.28 -16.56 15.90
CA LYS D 174 -33.72 -16.15 17.17
C LYS D 174 -32.74 -17.20 17.73
N ALA D 175 -33.16 -18.46 17.71
CA ALA D 175 -32.38 -19.58 18.21
C ALA D 175 -31.06 -19.72 17.45
N GLU D 176 -31.11 -19.61 16.13
CA GLU D 176 -29.95 -19.84 15.28
C GLU D 176 -28.98 -18.65 15.35
N LEU D 177 -29.53 -17.43 15.32
CA LEU D 177 -28.70 -16.23 15.31
C LEU D 177 -27.92 -16.13 16.61
N GLY D 178 -28.55 -16.56 17.72
CA GLY D 178 -27.93 -16.45 19.03
C GLY D 178 -27.07 -17.67 19.40
N ARG D 179 -26.89 -18.60 18.46
CA ARG D 179 -26.25 -19.86 18.82
C ARG D 179 -24.79 -19.58 19.14
N ARG D 180 -24.14 -20.54 19.79
CA ARG D 180 -22.70 -20.48 19.99
C ARG D 180 -22.10 -21.84 19.60
N GLU D 181 -20.87 -21.81 19.08
CA GLU D 181 -20.10 -23.01 18.77
C GLU D 181 -18.66 -22.71 19.17
N ARG D 182 -18.12 -23.59 19.99
CA ARG D 182 -16.80 -23.43 20.59
C ARG D 182 -15.71 -23.74 19.55
N PRO D 183 -14.56 -23.04 19.59
CA PRO D 183 -13.44 -23.37 18.69
C PRO D 183 -12.69 -24.64 19.06
N GLU D 184 -12.23 -25.39 18.05
CA GLU D 184 -11.30 -26.49 18.18
C GLU D 184 -9.92 -25.91 17.87
N VAL D 185 -9.04 -25.90 18.88
CA VAL D 185 -7.77 -25.19 18.79
C VAL D 185 -6.61 -26.18 18.71
N ARG D 186 -5.67 -25.90 17.80
CA ARG D 186 -4.41 -26.65 17.69
C ARG D 186 -3.25 -25.66 17.77
N VAL D 187 -2.24 -26.01 18.57
CA VAL D 187 -0.96 -25.32 18.57
C VAL D 187 0.00 -26.18 17.76
N TRP D 188 0.74 -25.53 16.88
CA TRP D 188 1.66 -26.19 15.98
C TRP D 188 2.96 -25.39 15.97
N GLY D 189 4.07 -26.07 16.16
CA GLY D 189 5.38 -25.45 16.17
C GLY D 189 6.27 -26.05 15.08
N LYS D 190 7.01 -25.20 14.37
CA LYS D 190 7.99 -25.64 13.39
C LYS D 190 9.23 -24.75 13.51
N GLU D 191 10.42 -25.37 13.58
CA GLU D 191 11.68 -24.65 13.75
C GLU D 191 12.47 -24.66 12.44
N ALA D 192 12.96 -23.47 12.06
CA ALA D 192 13.67 -23.29 10.79
C ALA D 192 14.54 -22.02 10.86
N ASP D 193 15.83 -22.16 10.52
CA ASP D 193 16.78 -21.06 10.52
C ASP D 193 16.99 -20.55 11.94
N GLY D 194 16.85 -21.44 12.93
CA GLY D 194 17.03 -21.08 14.32
C GLY D 194 15.88 -20.24 14.90
N ILE D 195 14.75 -20.14 14.18
CA ILE D 195 13.55 -19.50 14.72
C ILE D 195 12.50 -20.60 14.96
N LEU D 196 11.89 -20.58 16.16
CA LEU D 196 10.72 -21.38 16.45
C LEU D 196 9.48 -20.53 16.17
N THR D 197 8.69 -20.96 15.17
CA THR D 197 7.41 -20.33 14.87
C THR D 197 6.30 -21.18 15.49
N LEU D 198 5.55 -20.56 16.39
CA LEU D 198 4.43 -21.19 17.06
C LEU D 198 3.15 -20.64 16.45
N SER D 199 2.23 -21.56 16.13
CA SER D 199 0.94 -21.25 15.54
C SER D 199 -0.18 -21.69 16.49
N CYS D 200 -1.15 -20.81 16.70
CA CYS D 200 -2.38 -21.14 17.38
C CYS D 200 -3.52 -20.95 16.38
N ARG D 201 -4.24 -22.02 16.05
CA ARG D 201 -5.28 -22.00 15.02
C ARG D 201 -6.59 -22.45 15.64
N ALA D 202 -7.61 -21.59 15.57
CA ALA D 202 -8.91 -21.87 16.13
C ALA D 202 -9.91 -22.15 14.99
N HIS D 203 -10.60 -23.28 15.08
CA HIS D 203 -11.37 -23.81 13.98
C HIS D 203 -12.84 -23.94 14.41
N GLY D 204 -13.77 -23.46 13.58
CA GLY D 204 -15.17 -23.77 13.73
C GLY D 204 -15.88 -22.95 14.82
N PHE D 205 -15.49 -21.70 15.08
CA PHE D 205 -16.18 -20.90 16.10
C PHE D 205 -17.32 -20.06 15.50
N TYR D 206 -18.31 -19.74 16.36
CA TYR D 206 -19.44 -18.87 16.05
C TYR D 206 -19.94 -18.33 17.39
N PRO D 207 -20.18 -17.02 17.55
CA PRO D 207 -20.07 -16.04 16.47
C PRO D 207 -18.67 -15.64 16.03
N ARG D 208 -18.63 -14.75 15.05
CA ARG D 208 -17.41 -14.31 14.40
C ARG D 208 -16.37 -13.67 15.35
N PRO D 209 -16.68 -12.73 16.28
CA PRO D 209 -15.64 -12.06 17.02
C PRO D 209 -14.90 -13.06 17.90
N ILE D 210 -13.59 -12.89 17.97
CA ILE D 210 -12.78 -13.75 18.80
C ILE D 210 -11.49 -12.98 19.07
N VAL D 211 -10.85 -13.27 20.19
CA VAL D 211 -9.53 -12.74 20.46
C VAL D 211 -8.62 -13.90 20.82
N VAL D 212 -7.54 -14.05 20.06
CA VAL D 212 -6.56 -15.10 20.26
C VAL D 212 -5.21 -14.42 20.44
N SER D 213 -4.63 -14.54 21.65
CA SER D 213 -3.38 -13.89 22.01
C SER D 213 -2.31 -14.93 22.34
N TRP D 214 -1.05 -14.61 22.02
CA TRP D 214 0.09 -15.33 22.56
C TRP D 214 0.62 -14.63 23.81
N LEU D 215 0.74 -15.40 24.91
CA LEU D 215 1.30 -14.91 26.16
C LEU D 215 2.69 -15.54 26.32
N LYS D 216 3.66 -14.71 26.72
CA LYS D 216 4.96 -15.19 27.14
C LYS D 216 5.10 -14.89 28.63
N ASP D 217 5.26 -15.94 29.43
CA ASP D 217 5.33 -15.84 30.88
C ASP D 217 4.11 -15.08 31.43
N GLY D 218 2.96 -15.22 30.74
CA GLY D 218 1.68 -14.72 31.22
C GLY D 218 1.45 -13.25 30.92
N ALA D 219 2.13 -12.67 29.93
CA ALA D 219 1.91 -11.28 29.52
C ALA D 219 1.62 -11.21 28.02
N VAL D 220 0.62 -10.39 27.63
CA VAL D 220 0.17 -10.33 26.25
C VAL D 220 1.29 -9.75 25.39
N ARG D 221 1.58 -10.42 24.26
CA ARG D 221 2.67 -10.02 23.38
C ARG D 221 2.08 -9.30 22.15
N ASP D 224 5.09 -8.43 18.03
CA ASP D 224 5.78 -9.49 17.24
C ASP D 224 4.87 -10.67 16.91
N ALA D 225 3.58 -10.62 17.29
CA ALA D 225 2.63 -11.60 16.81
C ALA D 225 2.23 -11.24 15.38
N HIS D 226 1.67 -12.21 14.64
CA HIS D 226 1.03 -11.93 13.36
C HIS D 226 -0.26 -12.74 13.28
N SER D 227 -1.30 -12.10 12.75
CA SER D 227 -2.64 -12.64 12.77
C SER D 227 -3.15 -12.69 11.33
N GLY D 228 -3.85 -13.76 10.98
CA GLY D 228 -4.53 -13.84 9.70
C GLY D 228 -5.90 -13.16 9.70
N GLY D 229 -6.33 -12.59 10.84
CA GLY D 229 -7.70 -12.12 11.02
C GLY D 229 -8.69 -13.27 10.95
N ILE D 230 -9.99 -12.96 10.84
CA ILE D 230 -11.03 -13.94 10.95
C ILE D 230 -11.57 -14.25 9.56
N VAL D 231 -11.60 -15.54 9.22
CA VAL D 231 -11.94 -15.93 7.86
C VAL D 231 -13.03 -16.97 7.95
N PRO D 232 -13.91 -17.08 6.93
CA PRO D 232 -15.03 -18.02 7.03
C PRO D 232 -14.73 -19.47 6.68
N ASN D 233 -15.50 -20.35 7.27
CA ASN D 233 -15.60 -21.72 6.79
C ASN D 233 -16.83 -21.81 5.87
N GLY D 234 -17.06 -22.96 5.25
CA GLY D 234 -18.22 -23.15 4.37
C GLY D 234 -19.57 -23.28 5.08
N ASP D 235 -19.58 -23.47 6.42
CA ASP D 235 -20.74 -23.92 7.17
C ASP D 235 -21.27 -22.87 8.15
N GLY D 236 -20.86 -21.63 7.99
CA GLY D 236 -21.34 -20.52 8.79
C GLY D 236 -20.55 -20.28 10.09
N THR D 237 -19.46 -21.06 10.32
CA THR D 237 -18.51 -20.82 11.38
C THR D 237 -17.28 -20.13 10.79
N TYR D 238 -16.29 -19.85 11.65
CA TYR D 238 -15.15 -19.00 11.36
C TYR D 238 -13.84 -19.66 11.84
N HIS D 239 -12.72 -19.07 11.41
CA HIS D 239 -11.40 -19.63 11.58
C HIS D 239 -10.44 -18.47 11.83
N THR D 240 -9.40 -18.67 12.65
CA THR D 240 -8.32 -17.69 12.70
C THR D 240 -7.03 -18.38 13.11
N TRP D 241 -5.90 -17.76 12.75
CA TRP D 241 -4.61 -18.23 13.22
C TRP D 241 -3.79 -17.03 13.68
N VAL D 242 -2.94 -17.27 14.69
CA VAL D 242 -1.97 -16.29 15.14
C VAL D 242 -0.64 -17.00 15.39
N THR D 243 0.46 -16.37 14.88
CA THR D 243 1.81 -16.88 15.02
C THR D 243 2.58 -15.97 15.96
N ILE D 244 3.65 -16.52 16.54
CA ILE D 244 4.61 -15.72 17.27
C ILE D 244 5.98 -16.30 16.96
N ASP D 245 6.99 -15.43 16.86
CA ASP D 245 8.35 -15.91 16.69
C ASP D 245 9.00 -16.10 18.06
N ALA D 246 9.63 -17.26 18.26
CA ALA D 246 10.31 -17.59 19.51
C ALA D 246 11.69 -18.16 19.22
N GLN D 247 12.54 -18.17 20.25
CA GLN D 247 13.83 -18.83 20.17
C GLN D 247 13.64 -20.32 20.42
N PRO D 248 14.37 -21.21 19.71
CA PRO D 248 14.33 -22.65 19.98
C PRO D 248 14.66 -22.82 21.46
N GLY D 249 13.89 -23.68 22.15
CA GLY D 249 14.11 -23.98 23.55
C GLY D 249 13.13 -23.23 24.45
N ASP D 250 12.50 -22.18 23.91
CA ASP D 250 11.64 -21.30 24.68
C ASP D 250 10.17 -21.67 24.46
N GLY D 251 9.91 -22.75 23.71
CA GLY D 251 8.56 -23.22 23.44
C GLY D 251 7.67 -23.26 24.68
N ASP D 252 8.24 -23.69 25.82
CA ASP D 252 7.50 -23.94 27.05
C ASP D 252 7.05 -22.66 27.76
N LYS D 253 7.61 -21.50 27.39
CA LYS D 253 7.24 -20.24 28.01
C LYS D 253 6.05 -19.61 27.30
N TYR D 254 5.49 -20.29 26.30
CA TYR D 254 4.47 -19.69 25.46
C TYR D 254 3.14 -20.41 25.64
N GLN D 255 2.06 -19.63 25.57
CA GLN D 255 0.72 -20.13 25.83
C GLN D 255 -0.31 -19.32 25.04
N CYS D 256 -1.10 -20.03 24.21
CA CYS D 256 -2.14 -19.39 23.42
C CYS D 256 -3.38 -19.20 24.29
N ARG D 257 -3.94 -17.99 24.32
CA ARG D 257 -5.18 -17.71 25.02
C ARG D 257 -6.27 -17.36 24.02
N VAL D 258 -7.44 -18.01 24.17
CA VAL D 258 -8.57 -17.80 23.27
C VAL D 258 -9.77 -17.32 24.07
N GLU D 259 -10.28 -16.12 23.74
CA GLU D 259 -11.46 -15.52 24.36
C GLU D 259 -12.60 -15.50 23.35
N HIS D 260 -13.75 -16.11 23.74
CA HIS D 260 -14.86 -16.28 22.81
C HIS D 260 -16.16 -16.32 23.58
N ALA D 261 -17.26 -15.94 22.93
CA ALA D 261 -18.55 -15.86 23.62
C ALA D 261 -18.99 -17.26 24.07
N SER D 262 -18.53 -18.31 23.38
CA SER D 262 -18.86 -19.68 23.72
C SER D 262 -18.13 -20.22 24.97
N LEU D 263 -17.08 -19.53 25.44
CA LEU D 263 -16.19 -20.02 26.50
C LEU D 263 -16.34 -19.16 27.75
N PRO D 264 -16.87 -19.69 28.88
CA PRO D 264 -17.00 -18.88 30.09
C PRO D 264 -15.67 -18.38 30.64
N GLN D 265 -14.63 -19.23 30.51
CA GLN D 265 -13.26 -18.90 30.87
C GLN D 265 -12.40 -19.05 29.62
N PRO D 266 -11.37 -18.20 29.41
CA PRO D 266 -10.52 -18.31 28.23
C PRO D 266 -9.88 -19.69 28.15
N GLY D 267 -9.88 -20.27 26.94
CA GLY D 267 -9.04 -21.42 26.64
C GLY D 267 -7.56 -21.05 26.68
N LEU D 268 -6.75 -21.96 27.24
CA LEU D 268 -5.30 -21.84 27.31
C LEU D 268 -4.69 -23.10 26.70
N TYR D 269 -3.76 -22.91 25.77
CA TYR D 269 -3.19 -24.00 24.98
C TYR D 269 -1.68 -23.83 24.86
N SER D 270 -0.96 -24.96 24.92
CA SER D 270 0.49 -24.95 24.83
C SER D 270 0.98 -25.88 23.73
N TRP D 271 2.27 -25.74 23.37
CA TRP D 271 2.94 -26.54 22.36
C TRP D 271 3.53 -27.78 23.02
N GLU D 272 3.21 -28.97 22.47
CA GLU D 272 3.60 -30.24 23.07
C GLU D 272 4.29 -31.14 22.02
N ASP E 2 -7.16 -0.76 -8.45
CA ASP E 2 -7.21 -2.26 -8.41
C ASP E 2 -6.45 -2.74 -7.17
N LEU E 3 -6.99 -3.77 -6.51
CA LEU E 3 -6.41 -4.32 -5.29
C LEU E 3 -6.28 -5.82 -5.42
N THR E 4 -5.12 -6.33 -4.98
CA THR E 4 -4.72 -7.69 -5.22
C THR E 4 -5.36 -8.55 -4.13
N PRO E 5 -5.71 -9.82 -4.42
CA PRO E 5 -6.29 -10.68 -3.40
C PRO E 5 -5.29 -10.96 -2.30
N LYS E 6 -5.74 -10.97 -1.03
CA LYS E 6 -4.98 -11.52 0.07
C LYS E 6 -5.59 -12.91 0.33
N VAL E 7 -4.77 -13.96 0.22
CA VAL E 7 -5.27 -15.33 0.14
C VAL E 7 -4.80 -16.14 1.35
N GLN E 8 -5.71 -16.99 1.87
CA GLN E 8 -5.37 -17.93 2.93
C GLN E 8 -5.95 -19.31 2.61
N VAL E 9 -5.19 -20.35 2.98
CA VAL E 9 -5.62 -21.74 2.81
C VAL E 9 -5.62 -22.45 4.17
N TYR E 10 -6.70 -23.21 4.43
CA TYR E 10 -6.90 -23.77 5.77
C TYR E 10 -7.96 -24.85 5.70
N SER E 11 -7.99 -25.71 6.70
CA SER E 11 -9.00 -26.75 6.75
C SER E 11 -10.04 -26.42 7.81
N ARG E 12 -11.26 -26.93 7.59
CA ARG E 12 -12.37 -26.71 8.53
C ARG E 12 -12.04 -27.26 9.91
N PHE E 13 -11.53 -28.50 9.97
CA PHE E 13 -11.12 -29.11 11.24
C PHE E 13 -9.59 -29.22 11.24
N PRO E 14 -8.97 -29.26 12.45
CA PRO E 14 -7.56 -29.68 12.57
C PRO E 14 -7.36 -31.01 11.86
N ALA E 15 -6.38 -31.09 10.99
CA ALA E 15 -6.27 -32.21 10.05
C ALA E 15 -5.68 -33.45 10.72
N SER E 16 -6.18 -34.62 10.29
CA SER E 16 -5.54 -35.92 10.48
C SER E 16 -5.53 -36.68 9.16
N ALA E 17 -4.42 -37.37 8.87
CA ALA E 17 -4.38 -38.30 7.73
C ALA E 17 -5.56 -39.27 7.81
N GLY E 18 -6.35 -39.38 6.74
CA GLY E 18 -7.43 -40.36 6.73
C GLY E 18 -8.70 -39.94 7.47
N THR E 19 -8.82 -38.69 7.97
CA THR E 19 -10.12 -38.27 8.50
C THR E 19 -10.75 -37.23 7.58
N LYS E 20 -12.03 -37.43 7.27
CA LYS E 20 -12.78 -36.54 6.40
C LYS E 20 -12.73 -35.12 6.93
N ASN E 21 -12.67 -34.16 6.01
CA ASN E 21 -12.40 -32.77 6.33
C ASN E 21 -12.89 -31.92 5.16
N VAL E 22 -12.65 -30.61 5.25
CA VAL E 22 -12.94 -29.68 4.19
C VAL E 22 -11.72 -28.77 4.05
N LEU E 23 -11.24 -28.63 2.80
CA LEU E 23 -10.17 -27.71 2.44
C LEU E 23 -10.75 -26.40 1.93
N ASN E 24 -10.31 -25.31 2.56
CA ASN E 24 -10.80 -23.97 2.24
C ASN E 24 -9.70 -23.12 1.64
N CYS E 25 -10.08 -22.31 0.65
CA CYS E 25 -9.22 -21.27 0.11
C CYS E 25 -10.00 -19.97 0.08
N PHE E 26 -9.48 -18.95 0.78
CA PHE E 26 -10.17 -17.69 0.96
C PHE E 26 -9.37 -16.52 0.40
N ALA E 27 -10.04 -15.72 -0.46
CA ALA E 27 -9.46 -14.51 -1.04
C ALA E 27 -10.29 -13.30 -0.64
N ALA E 28 -9.62 -12.21 -0.21
CA ALA E 28 -10.32 -11.01 0.20
C ALA E 28 -9.54 -9.79 -0.22
N GLY E 29 -10.22 -8.63 -0.17
CA GLY E 29 -9.60 -7.32 -0.32
C GLY E 29 -9.29 -6.96 -1.77
N PHE E 30 -10.00 -7.58 -2.75
CA PHE E 30 -9.67 -7.43 -4.15
C PHE E 30 -10.78 -6.72 -4.94
N HIS E 31 -10.34 -6.10 -6.06
CA HIS E 31 -11.13 -5.41 -7.04
C HIS E 31 -10.34 -5.45 -8.35
N PRO E 32 -10.90 -5.79 -9.53
CA PRO E 32 -12.33 -6.05 -9.71
C PRO E 32 -12.71 -7.44 -9.20
N PRO E 33 -14.02 -7.77 -9.22
CA PRO E 33 -14.53 -9.02 -8.64
C PRO E 33 -14.20 -10.32 -9.36
N LYS E 34 -13.93 -10.22 -10.65
CA LYS E 34 -13.51 -11.42 -11.37
C LYS E 34 -12.22 -11.97 -10.75
N ILE E 35 -12.26 -13.26 -10.45
CA ILE E 35 -11.14 -13.96 -9.85
C ILE E 35 -11.34 -15.46 -10.12
N SER E 36 -10.23 -16.17 -10.24
CA SER E 36 -10.25 -17.62 -10.34
C SER E 36 -9.51 -18.19 -9.14
N ILE E 37 -10.12 -19.17 -8.46
CA ILE E 37 -9.57 -19.81 -7.26
C ILE E 37 -9.78 -21.31 -7.36
N THR E 38 -8.69 -22.08 -7.32
CA THR E 38 -8.74 -23.49 -7.69
C THR E 38 -7.99 -24.26 -6.60
N LEU E 39 -8.65 -25.26 -6.01
CA LEU E 39 -8.01 -26.11 -5.01
C LEU E 39 -7.34 -27.27 -5.73
N MET E 40 -6.09 -27.56 -5.37
CA MET E 40 -5.34 -28.62 -6.05
C MET E 40 -4.70 -29.62 -5.07
N LYS E 41 -4.61 -30.88 -5.51
CA LYS E 41 -3.88 -31.92 -4.80
C LYS E 41 -2.86 -32.50 -5.77
N ASP E 42 -1.56 -32.41 -5.39
CA ASP E 42 -0.46 -32.89 -6.23
C ASP E 42 -0.56 -32.31 -7.64
N GLY E 43 -0.96 -31.04 -7.72
CA GLY E 43 -1.04 -30.30 -8.97
C GLY E 43 -2.28 -30.65 -9.80
N VAL E 44 -3.24 -31.42 -9.25
CA VAL E 44 -4.42 -31.83 -9.99
C VAL E 44 -5.64 -31.18 -9.35
N PRO E 45 -6.51 -30.44 -10.09
CA PRO E 45 -7.68 -29.81 -9.44
C PRO E 45 -8.50 -30.83 -8.66
N MET E 46 -8.92 -30.45 -7.45
CA MET E 46 -9.71 -31.31 -6.58
C MET E 46 -11.17 -31.30 -7.05
N GLU E 47 -11.80 -32.46 -7.13
CA GLU E 47 -13.20 -32.56 -7.56
C GLU E 47 -14.12 -32.12 -6.42
N GLY E 48 -15.31 -31.60 -6.76
CA GLY E 48 -16.32 -31.31 -5.75
C GLY E 48 -16.17 -29.94 -5.09
N ALA E 49 -15.34 -29.05 -5.61
CA ALA E 49 -15.21 -27.72 -5.00
C ALA E 49 -16.51 -26.94 -5.13
N GLN E 50 -16.87 -26.18 -4.08
CA GLN E 50 -18.02 -25.29 -4.09
C GLN E 50 -17.57 -23.88 -3.79
N TYR E 51 -18.19 -22.92 -4.49
CA TYR E 51 -17.79 -21.52 -4.46
C TYR E 51 -18.88 -20.83 -3.67
N SER E 52 -18.49 -20.04 -2.69
CA SER E 52 -19.49 -19.35 -1.88
C SER E 52 -20.01 -18.16 -2.68
N ASP E 53 -21.21 -17.67 -2.31
CA ASP E 53 -21.72 -16.47 -2.94
C ASP E 53 -20.64 -15.42 -2.71
N MET E 54 -20.47 -14.53 -3.67
CA MET E 54 -19.45 -13.52 -3.49
C MET E 54 -20.03 -12.45 -2.59
N SER E 55 -19.16 -11.86 -1.77
CA SER E 55 -19.57 -10.82 -0.88
C SER E 55 -18.62 -9.65 -1.12
N PHE E 56 -18.95 -8.53 -0.51
CA PHE E 56 -18.01 -7.43 -0.41
C PHE E 56 -18.23 -6.77 0.94
N ASN E 57 -17.16 -6.14 1.39
CA ASN E 57 -17.07 -5.59 2.72
C ASN E 57 -17.44 -4.12 2.68
N ASP E 58 -17.40 -3.48 3.84
CA ASP E 58 -17.81 -2.08 3.95
C ASP E 58 -16.92 -1.12 3.15
N ASP E 59 -15.68 -1.55 2.84
CA ASP E 59 -14.74 -0.76 2.05
C ASP E 59 -14.89 -1.05 0.55
N TRP E 60 -15.89 -1.87 0.21
CA TRP E 60 -16.30 -2.18 -1.15
C TRP E 60 -15.46 -3.33 -1.73
N THR E 61 -14.38 -3.77 -1.08
CA THR E 61 -13.53 -4.82 -1.65
C THR E 61 -14.23 -6.17 -1.54
N PHE E 62 -13.93 -7.03 -2.50
CA PHE E 62 -14.66 -8.27 -2.68
C PHE E 62 -13.92 -9.42 -1.98
N GLN E 63 -14.69 -10.47 -1.65
CA GLN E 63 -14.14 -11.69 -1.05
C GLN E 63 -14.85 -12.89 -1.66
N ARG E 64 -14.15 -14.02 -1.72
CA ARG E 64 -14.72 -15.28 -2.18
C ARG E 64 -14.03 -16.43 -1.45
N LEU E 65 -14.83 -17.42 -1.00
CA LEU E 65 -14.39 -18.67 -0.41
C LEU E 65 -14.66 -19.82 -1.38
N VAL E 66 -13.67 -20.68 -1.54
CA VAL E 66 -13.83 -21.95 -2.21
C VAL E 66 -13.59 -23.04 -1.17
N HIS E 67 -14.38 -24.10 -1.21
CA HIS E 67 -14.18 -25.18 -0.28
C HIS E 67 -14.46 -26.51 -0.99
N ALA E 68 -13.72 -27.55 -0.60
CA ALA E 68 -14.00 -28.89 -1.10
C ALA E 68 -13.82 -29.93 0.01
N ASP E 69 -14.77 -30.86 0.11
CA ASP E 69 -14.58 -32.02 0.97
C ASP E 69 -13.34 -32.80 0.52
N PHE E 70 -12.54 -33.23 1.50
CA PHE E 70 -11.39 -34.06 1.25
C PHE E 70 -11.02 -34.85 2.50
N THR E 71 -10.40 -36.01 2.27
CA THR E 71 -9.70 -36.73 3.33
C THR E 71 -8.21 -36.56 3.05
N PRO E 72 -7.47 -35.77 3.86
CA PRO E 72 -6.06 -35.48 3.60
C PRO E 72 -5.23 -36.77 3.56
N SER E 73 -4.35 -36.85 2.55
CA SER E 73 -3.35 -37.88 2.41
C SER E 73 -2.04 -37.33 2.96
N SER E 74 -1.38 -38.07 3.84
CA SER E 74 -0.09 -37.66 4.38
C SER E 74 0.96 -37.41 3.28
N GLY E 75 0.84 -38.06 2.13
CA GLY E 75 1.91 -38.03 1.12
C GLY E 75 1.62 -37.08 -0.04
N SER E 76 0.58 -36.25 0.11
CA SER E 76 0.16 -35.33 -0.94
C SER E 76 0.40 -33.89 -0.49
N THR E 77 0.56 -32.98 -1.46
CA THR E 77 0.58 -31.57 -1.15
C THR E 77 -0.71 -30.97 -1.72
N TYR E 78 -1.27 -30.06 -0.94
CA TYR E 78 -2.52 -29.38 -1.28
C TYR E 78 -2.19 -27.90 -1.40
N ALA E 79 -2.84 -27.25 -2.38
CA ALA E 79 -2.64 -25.82 -2.55
C ALA E 79 -3.86 -25.17 -3.17
N CYS E 80 -3.82 -23.83 -3.16
CA CYS E 80 -4.83 -23.06 -3.84
C CYS E 80 -4.14 -22.22 -4.93
N LYS E 81 -4.64 -22.26 -6.17
CA LYS E 81 -4.13 -21.45 -7.25
C LYS E 81 -5.09 -20.31 -7.56
N VAL E 82 -4.58 -19.08 -7.57
CA VAL E 82 -5.39 -17.88 -7.69
C VAL E 82 -4.95 -17.05 -8.90
N GLU E 83 -5.91 -16.72 -9.75
CA GLU E 83 -5.63 -15.81 -10.86
C GLU E 83 -6.52 -14.57 -10.75
N HIS E 84 -5.90 -13.40 -10.82
CA HIS E 84 -6.58 -12.12 -10.75
C HIS E 84 -5.86 -11.12 -11.64
N GLU E 85 -6.59 -10.09 -12.11
CA GLU E 85 -6.08 -9.10 -13.06
C GLU E 85 -4.89 -8.31 -12.56
N THR E 86 -4.77 -8.15 -11.25
CA THR E 86 -3.72 -7.34 -10.65
C THR E 86 -2.37 -8.05 -10.71
N LEU E 87 -2.34 -9.34 -11.08
CA LEU E 87 -1.12 -10.12 -11.17
C LEU E 87 -1.06 -10.83 -12.52
N LYS E 88 0.11 -10.85 -13.13
CA LYS E 88 0.23 -11.38 -14.49
C LYS E 88 0.27 -12.90 -14.46
N GLU E 89 0.73 -13.46 -13.34
CA GLU E 89 0.92 -14.88 -13.22
C GLU E 89 0.01 -15.44 -12.15
N PRO E 90 -0.44 -16.70 -12.31
CA PRO E 90 -1.17 -17.38 -11.23
C PRO E 90 -0.31 -17.41 -9.96
N GLN E 91 -0.96 -17.22 -8.82
CA GLN E 91 -0.34 -17.31 -7.51
C GLN E 91 -0.79 -18.61 -6.86
N VAL E 92 0.18 -19.39 -6.35
CA VAL E 92 -0.10 -20.66 -5.70
C VAL E 92 0.24 -20.54 -4.20
N TYR E 93 -0.74 -20.87 -3.36
CA TYR E 93 -0.63 -20.82 -1.91
C TYR E 93 -0.78 -22.24 -1.36
N LYS E 94 0.18 -22.66 -0.53
CA LYS E 94 0.25 -24.03 -0.08
C LYS E 94 -0.47 -24.19 1.26
N TRP E 95 -1.21 -25.28 1.44
CA TRP E 95 -1.76 -25.64 2.74
C TRP E 95 -0.71 -26.33 3.61
N ASP E 96 -0.57 -25.85 4.85
CA ASP E 96 0.23 -26.53 5.87
C ASP E 96 -0.72 -27.45 6.65
N PRO E 97 -0.65 -28.79 6.50
CA PRO E 97 -1.53 -29.69 7.22
C PRO E 97 -1.44 -29.58 8.74
N GLU E 98 -0.25 -29.22 9.24
CA GLU E 98 0.00 -29.11 10.66
C GLU E 98 -0.20 -30.47 11.34
N PHE E 99 0.13 -31.55 10.61
CA PHE E 99 0.24 -32.87 11.20
C PHE E 99 1.56 -33.50 10.72
N TRP F 1 -36.68 -7.37 3.92
CA TRP F 1 -37.38 -7.16 2.63
C TRP F 1 -36.64 -6.11 1.79
N ILE F 2 -36.38 -6.42 0.51
CA ILE F 2 -35.47 -5.62 -0.30
C ILE F 2 -36.15 -4.34 -0.75
N ILE F 3 -35.35 -3.38 -1.20
CA ILE F 3 -35.83 -2.17 -1.84
C ILE F 3 -36.37 -2.52 -3.22
N ARG F 4 -37.50 -1.91 -3.58
CA ARG F 4 -37.93 -1.83 -4.96
C ARG F 4 -37.26 -0.61 -5.59
N ASN F 5 -36.56 -0.82 -6.71
CA ASN F 5 -35.81 0.24 -7.36
C ASN F 5 -36.81 1.24 -7.95
N TRP F 6 -36.56 2.55 -7.76
CA TRP F 6 -37.54 3.57 -8.08
C TRP F 6 -37.36 4.08 -9.52
N GLU F 7 -36.12 4.47 -9.88
CA GLU F 7 -35.77 4.83 -11.24
C GLU F 7 -34.26 4.69 -11.39
N THR F 8 -33.76 4.90 -12.62
CA THR F 8 -32.36 4.71 -12.91
C THR F 8 -31.55 5.85 -12.29
N VAL F 9 -30.23 5.63 -12.27
CA VAL F 9 -29.23 6.63 -11.96
C VAL F 9 -29.27 7.79 -12.99
#